data_4V2I
#
_entry.id   4V2I
#
_cell.length_a   73.326
_cell.length_b   85.429
_cell.length_c   91.747
_cell.angle_alpha   90.00
_cell.angle_beta   90.00
_cell.angle_gamma   90.00
#
_symmetry.space_group_name_H-M   'P 21 21 21'
#
loop_
_entity.id
_entity.type
_entity.pdbx_description
1 polymer ESTERASE/LIPASE
2 non-polymer 'MAGNESIUM ION'
3 water water
#
_entity_poly.entity_id   1
_entity_poly.type   'polypeptide(L)'
_entity_poly.pdbx_seq_one_letter_code
;MPVLEPTTQKFINALSASGGPAIYTLTPAEARDVLSGAQSGEIAKPAVDITDTTFAVGPTGATKVRIIRPQGNTDRLPVI
VYFHGAGWVMGDTGTHDRLVRELSVRANAALVFVDYERSPEARYPVAIEQDYAVTKYVAEHSEQLNVDPTRLAIAGDSVG
GNMTAVVSLLAQERGGPDITAQVLFYPVTDADFDNGSYTEFANGPWLTKPAMDWFWNQYLPEGIDRTDPKITPIHATSEQ
LSGQAPALVITAENDVLRDEGEAYARKLSQAGVDVTVTRYNGTIHDFVMLNVLADTPAAKGAIAQAGQYLHTALHGKHHH
HHH
;
_entity_poly.pdbx_strand_id   A,B
#
loop_
_chem_comp.id
_chem_comp.type
_chem_comp.name
_chem_comp.formula
MG non-polymer 'MAGNESIUM ION' 'Mg 2'
#
# COMPACT_ATOMS: atom_id res chain seq x y z
N PRO A 2 -14.16 8.00 8.01
CA PRO A 2 -14.72 8.13 6.66
C PRO A 2 -15.51 6.89 6.22
N VAL A 3 -16.11 6.95 5.04
CA VAL A 3 -17.05 5.91 4.62
C VAL A 3 -16.34 4.58 4.38
N LEU A 4 -16.93 3.51 4.89
CA LEU A 4 -16.32 2.19 4.79
C LEU A 4 -16.63 1.51 3.46
N GLU A 5 -15.69 0.68 3.05
CA GLU A 5 -15.90 -0.28 1.97
C GLU A 5 -17.20 -1.08 2.25
N PRO A 6 -17.95 -1.48 1.21
CA PRO A 6 -19.30 -1.98 1.52
C PRO A 6 -19.38 -3.31 2.27
N THR A 7 -18.52 -4.28 2.00
CA THR A 7 -18.56 -5.54 2.76
C THR A 7 -18.22 -5.29 4.23
N THR A 8 -17.22 -4.46 4.43
CA THR A 8 -16.81 -4.04 5.77
C THR A 8 -17.96 -3.35 6.50
N GLN A 9 -18.67 -2.46 5.79
CA GLN A 9 -19.86 -1.84 6.36
C GLN A 9 -20.93 -2.83 6.80
N LYS A 10 -21.19 -3.85 5.99
CA LYS A 10 -22.19 -4.84 6.33
C LYS A 10 -21.80 -5.58 7.60
N PHE A 11 -20.51 -5.85 7.75
CA PHE A 11 -20.01 -6.50 8.98
C PHE A 11 -20.32 -5.64 10.19
N ILE A 12 -19.92 -4.37 10.13
CA ILE A 12 -20.15 -3.45 11.24
C ILE A 12 -21.65 -3.36 11.58
N ASN A 13 -22.51 -3.32 10.56
CA ASN A 13 -23.93 -3.20 10.85
C ASN A 13 -24.51 -4.47 11.46
N ALA A 14 -24.03 -5.62 10.99
CA ALA A 14 -24.48 -6.90 11.53
C ALA A 14 -24.07 -7.04 13.00
N LEU A 15 -22.87 -6.57 13.30
CA LEU A 15 -22.35 -6.57 14.67
C LEU A 15 -23.22 -5.72 15.58
N SER A 16 -23.60 -4.52 15.12
CA SER A 16 -24.52 -3.66 15.87
C SER A 16 -25.87 -4.33 16.10
N ALA A 17 -26.43 -4.91 15.05
CA ALA A 17 -27.73 -5.53 15.17
C ALA A 17 -27.75 -6.72 16.12
N SER A 18 -26.63 -7.44 16.24
CA SER A 18 -26.64 -8.67 17.04
C SER A 18 -26.56 -8.30 18.54
N GLY A 19 -26.00 -7.13 18.84
CA GLY A 19 -26.14 -6.53 20.17
C GLY A 19 -25.40 -7.23 21.30
N GLY A 20 -24.23 -7.77 21.00
CA GLY A 20 -23.49 -8.52 21.99
C GLY A 20 -22.98 -7.62 23.10
N PRO A 21 -22.60 -8.20 24.24
CA PRO A 21 -22.02 -7.46 25.36
C PRO A 21 -20.74 -6.73 24.99
N ALA A 22 -20.42 -5.64 25.68
CA ALA A 22 -19.16 -4.94 25.43
C ALA A 22 -18.02 -5.82 25.91
N ILE A 23 -16.89 -5.78 25.21
CA ILE A 23 -15.74 -6.63 25.50
C ILE A 23 -15.26 -6.53 26.95
N TYR A 24 -15.33 -5.32 27.50
CA TYR A 24 -14.78 -5.05 28.82
C TYR A 24 -15.76 -5.38 29.93
N THR A 25 -16.92 -5.94 29.58
CA THR A 25 -17.84 -6.50 30.57
C THR A 25 -17.65 -8.00 30.72
N LEU A 26 -16.80 -8.56 29.86
CA LEU A 26 -16.62 -10.01 29.80
C LEU A 26 -15.41 -10.49 30.60
N THR A 27 -15.43 -11.74 30.98
CA THR A 27 -14.25 -12.40 31.52
C THR A 27 -13.25 -12.63 30.39
N PRO A 28 -11.96 -12.83 30.73
CA PRO A 28 -10.99 -13.16 29.68
C PRO A 28 -11.40 -14.38 28.88
N ALA A 29 -11.90 -15.39 29.56
CA ALA A 29 -12.29 -16.62 28.88
C ALA A 29 -13.41 -16.35 27.87
N GLU A 30 -14.39 -15.54 28.29
CA GLU A 30 -15.51 -15.19 27.42
C GLU A 30 -15.04 -14.38 26.22
N ALA A 31 -14.16 -13.42 26.49
CA ALA A 31 -13.65 -12.54 25.42
C ALA A 31 -12.91 -13.38 24.40
N ARG A 32 -12.11 -14.30 24.90
CA ARG A 32 -11.37 -15.23 24.04
C ARG A 32 -12.29 -16.04 23.18
N ASP A 33 -13.36 -16.58 23.77
CA ASP A 33 -14.28 -17.43 23.05
C ASP A 33 -15.02 -16.63 21.99
N VAL A 34 -15.30 -15.36 22.24
CA VAL A 34 -15.95 -14.52 21.23
C VAL A 34 -15.09 -14.40 19.98
N LEU A 35 -13.82 -14.09 20.13
CA LEU A 35 -12.97 -13.98 18.94
C LEU A 35 -12.75 -15.36 18.30
N SER A 36 -12.53 -16.39 19.11
CA SER A 36 -12.36 -17.73 18.56
C SER A 36 -13.56 -18.16 17.70
N GLY A 37 -14.76 -17.84 18.16
CA GLY A 37 -15.97 -18.16 17.43
C GLY A 37 -16.12 -17.40 16.13
N ALA A 38 -15.67 -16.15 16.11
CA ALA A 38 -15.70 -15.33 14.88
C ALA A 38 -14.79 -15.91 13.81
N GLN A 39 -13.69 -16.52 14.26
CA GLN A 39 -12.66 -17.01 13.37
C GLN A 39 -12.72 -18.52 13.09
N SER A 40 -13.83 -19.16 13.47
CA SER A 40 -13.99 -20.62 13.35
C SER A 40 -14.76 -21.07 12.10
N GLY A 41 -14.91 -20.19 11.13
CA GLY A 41 -15.65 -20.49 9.92
C GLY A 41 -14.89 -21.29 8.89
N GLU A 42 -15.62 -21.82 7.91
CA GLU A 42 -15.04 -22.57 6.80
C GLU A 42 -14.53 -21.57 5.78
N ILE A 43 -13.22 -21.38 5.75
CA ILE A 43 -12.61 -20.40 4.86
C ILE A 43 -11.42 -21.03 4.14
N ALA A 44 -11.19 -20.60 2.91
CA ALA A 44 -10.01 -21.02 2.17
C ALA A 44 -8.74 -20.58 2.91
N LYS A 45 -7.76 -21.48 2.96
CA LYS A 45 -6.51 -21.29 3.71
C LYS A 45 -5.35 -21.91 2.93
N PRO A 46 -4.20 -21.25 2.88
CA PRO A 46 -3.05 -21.85 2.20
C PRO A 46 -2.59 -23.13 2.87
N ALA A 47 -2.12 -24.10 2.08
CA ALA A 47 -1.64 -25.35 2.64
C ALA A 47 -0.28 -25.21 3.31
N VAL A 48 -0.19 -25.73 4.54
CA VAL A 48 1.06 -25.71 5.29
C VAL A 48 1.24 -27.00 6.10
N ASP A 49 2.48 -27.24 6.54
CA ASP A 49 2.78 -28.29 7.50
C ASP A 49 2.87 -27.61 8.86
N ILE A 50 2.30 -28.24 9.87
CA ILE A 50 2.22 -27.64 11.21
C ILE A 50 2.86 -28.51 12.25
N THR A 51 3.63 -27.89 13.14
CA THR A 51 4.17 -28.57 14.33
C THR A 51 3.91 -27.70 15.55
N ASP A 52 3.22 -28.27 16.53
CA ASP A 52 3.01 -27.60 17.81
C ASP A 52 4.03 -28.13 18.81
N THR A 53 4.77 -27.23 19.45
CA THR A 53 5.76 -27.68 20.43
C THR A 53 6.02 -26.59 21.45
N THR A 54 7.06 -26.77 22.25
CA THR A 54 7.45 -25.82 23.27
C THR A 54 8.95 -25.65 23.19
N PHE A 55 9.39 -24.40 23.29
CA PHE A 55 10.80 -24.08 23.50
C PHE A 55 11.05 -23.78 24.98
N ALA A 56 12.10 -24.38 25.54
CA ALA A 56 12.39 -24.22 26.97
C ALA A 56 13.09 -22.90 27.24
N VAL A 57 12.43 -21.80 26.91
CA VAL A 57 12.98 -20.45 27.12
C VAL A 57 11.89 -19.48 27.57
N GLY A 58 12.31 -18.31 28.05
CA GLY A 58 11.40 -17.28 28.52
C GLY A 58 11.44 -17.20 30.03
N PRO A 59 10.81 -16.17 30.60
CA PRO A 59 10.88 -15.95 32.04
C PRO A 59 10.21 -17.04 32.85
N THR A 60 9.30 -17.79 32.22
CA THR A 60 8.60 -18.87 32.92
C THR A 60 9.23 -20.24 32.65
N GLY A 61 10.32 -20.27 31.90
CA GLY A 61 11.02 -21.51 31.59
C GLY A 61 10.52 -22.24 30.35
N ALA A 62 9.41 -21.80 29.81
CA ALA A 62 8.79 -22.45 28.66
C ALA A 62 7.87 -21.50 27.90
N THR A 63 7.91 -21.63 26.57
CA THR A 63 7.05 -20.88 25.67
C THR A 63 6.45 -21.80 24.60
N LYS A 64 5.13 -21.82 24.49
CA LYS A 64 4.46 -22.60 23.45
C LYS A 64 4.65 -21.91 22.10
N VAL A 65 4.97 -22.69 21.07
CA VAL A 65 5.08 -22.18 19.71
C VAL A 65 4.41 -23.13 18.71
N ARG A 66 4.00 -22.56 17.59
CA ARG A 66 3.56 -23.33 16.44
C ARG A 66 4.49 -22.96 15.30
N ILE A 67 5.04 -23.98 14.67
CA ILE A 67 5.93 -23.81 13.54
C ILE A 67 5.19 -24.23 12.27
N ILE A 68 5.13 -23.30 11.32
CA ILE A 68 4.42 -23.47 10.07
C ILE A 68 5.39 -23.38 8.89
N ARG A 69 5.22 -24.24 7.91
CA ARG A 69 6.03 -24.22 6.69
C ARG A 69 5.13 -24.47 5.49
N PRO A 70 5.49 -23.91 4.34
CA PRO A 70 4.73 -24.23 3.12
C PRO A 70 4.67 -25.75 2.93
N GLN A 71 3.47 -26.24 2.70
CA GLN A 71 3.23 -27.67 2.73
C GLN A 71 4.19 -28.44 1.83
N GLY A 72 4.86 -29.44 2.41
CA GLY A 72 5.73 -30.31 1.65
C GLY A 72 7.14 -29.79 1.45
N ASN A 73 7.38 -28.54 1.85
CA ASN A 73 8.70 -27.92 1.69
C ASN A 73 9.61 -28.31 2.85
N THR A 74 10.73 -28.95 2.51
CA THR A 74 11.71 -29.40 3.49
C THR A 74 13.04 -28.69 3.30
N ASP A 75 13.04 -27.57 2.57
CA ASP A 75 14.26 -26.80 2.38
C ASP A 75 14.66 -26.10 3.66
N ARG A 76 15.92 -25.70 3.74
CA ARG A 76 16.40 -24.79 4.78
C ARG A 76 15.90 -23.39 4.49
N LEU A 77 14.77 -23.02 5.08
CA LEU A 77 14.10 -21.78 4.72
C LEU A 77 14.48 -20.59 5.61
N PRO A 78 14.30 -19.38 5.08
CA PRO A 78 14.31 -18.19 5.94
C PRO A 78 13.17 -18.29 6.92
N VAL A 79 13.15 -17.48 7.97
CA VAL A 79 12.16 -17.67 9.01
C VAL A 79 11.56 -16.37 9.50
N ILE A 80 10.25 -16.42 9.75
CA ILE A 80 9.50 -15.34 10.37
C ILE A 80 9.10 -15.72 11.78
N VAL A 81 9.44 -14.87 12.76
CA VAL A 81 8.93 -15.06 14.11
C VAL A 81 7.75 -14.09 14.28
N TYR A 82 6.59 -14.64 14.60
CA TYR A 82 5.31 -13.92 14.53
C TYR A 82 4.67 -13.73 15.89
N PHE A 83 4.25 -12.50 16.18
CA PHE A 83 3.63 -12.12 17.43
C PHE A 83 2.20 -11.63 17.18
N HIS A 84 1.23 -12.41 17.61
CA HIS A 84 -0.16 -12.14 17.27
C HIS A 84 -0.77 -11.02 18.11
N GLY A 85 -1.78 -10.37 17.55
CA GLY A 85 -2.60 -9.44 18.27
C GLY A 85 -3.85 -9.99 18.93
N ALA A 86 -4.78 -9.06 19.17
CA ALA A 86 -6.08 -9.23 19.84
C ALA A 86 -6.05 -8.84 21.33
N GLY A 87 -5.48 -7.67 21.62
CA GLY A 87 -5.71 -6.98 22.88
C GLY A 87 -4.93 -7.44 24.10
N TRP A 88 -3.92 -8.29 23.88
CA TRP A 88 -3.17 -8.99 24.94
C TRP A 88 -3.98 -10.07 25.65
N VAL A 89 -5.30 -9.94 25.66
CA VAL A 89 -6.16 -10.86 26.37
C VAL A 89 -6.52 -12.05 25.50
N MET A 90 -6.73 -11.79 24.21
N MET A 90 -6.76 -11.79 24.22
CA MET A 90 -7.31 -12.78 23.31
CA MET A 90 -7.33 -12.78 23.32
C MET A 90 -6.29 -13.26 22.28
C MET A 90 -6.32 -13.21 22.25
N GLY A 91 -6.74 -14.14 21.39
CA GLY A 91 -5.91 -14.62 20.27
C GLY A 91 -5.17 -15.92 20.53
N ASP A 92 -5.02 -16.74 19.49
CA ASP A 92 -4.36 -18.04 19.61
C ASP A 92 -4.00 -18.53 18.20
N THR A 93 -3.55 -19.78 18.08
CA THR A 93 -3.17 -20.29 16.77
C THR A 93 -4.35 -20.34 15.83
N GLY A 94 -5.56 -20.50 16.38
CA GLY A 94 -6.76 -20.55 15.56
C GLY A 94 -7.19 -19.19 15.03
N THR A 95 -7.19 -18.17 15.88
CA THR A 95 -7.69 -16.87 15.45
C THR A 95 -6.84 -16.25 14.33
N HIS A 96 -5.52 -16.50 14.37
CA HIS A 96 -4.60 -15.91 13.38
C HIS A 96 -4.11 -16.90 12.32
N ASP A 97 -4.70 -18.10 12.31
CA ASP A 97 -4.31 -19.20 11.41
C ASP A 97 -4.20 -18.80 9.94
N ARG A 98 -5.28 -18.29 9.35
CA ARG A 98 -5.26 -17.94 7.93
C ARG A 98 -4.18 -16.89 7.63
N LEU A 99 -4.12 -15.85 8.45
CA LEU A 99 -3.15 -14.80 8.23
C LEU A 99 -1.72 -15.34 8.24
N VAL A 100 -1.35 -16.13 9.24
CA VAL A 100 0.05 -16.53 9.30
C VAL A 100 0.36 -17.60 8.28
N ARG A 101 -0.64 -18.37 7.85
CA ARG A 101 -0.45 -19.26 6.71
C ARG A 101 -0.16 -18.46 5.45
N GLU A 102 -0.92 -17.38 5.23
CA GLU A 102 -0.67 -16.51 4.07
C GLU A 102 0.75 -15.94 4.07
N LEU A 103 1.21 -15.49 5.23
CA LEU A 103 2.56 -14.95 5.33
C LEU A 103 3.61 -16.02 5.03
N SER A 104 3.45 -17.20 5.63
CA SER A 104 4.40 -18.28 5.41
C SER A 104 4.50 -18.63 3.92
N VAL A 105 3.35 -18.82 3.27
CA VAL A 105 3.37 -19.28 1.90
C VAL A 105 3.83 -18.16 0.95
N ARG A 106 3.38 -16.93 1.18
CA ARG A 106 3.76 -15.82 0.32
C ARG A 106 5.23 -15.44 0.45
N ALA A 107 5.76 -15.50 1.67
CA ALA A 107 7.16 -15.23 1.95
C ALA A 107 8.06 -16.42 1.60
N ASN A 108 7.44 -17.57 1.40
CA ASN A 108 8.13 -18.85 1.29
C ASN A 108 9.15 -19.01 2.43
N ALA A 109 8.63 -18.95 3.65
CA ALA A 109 9.44 -18.98 4.85
C ALA A 109 8.79 -19.87 5.88
N ALA A 110 9.59 -20.46 6.76
CA ALA A 110 9.07 -21.04 7.98
C ALA A 110 8.54 -19.90 8.83
N LEU A 111 7.52 -20.15 9.65
CA LEU A 111 6.97 -19.12 10.53
C LEU A 111 6.78 -19.72 11.91
N VAL A 112 7.37 -19.07 12.90
CA VAL A 112 7.31 -19.50 14.30
C VAL A 112 6.37 -18.58 15.05
N PHE A 113 5.19 -19.11 15.34
CA PHE A 113 4.09 -18.38 15.98
C PHE A 113 4.24 -18.50 17.49
N VAL A 114 4.49 -17.39 18.17
CA VAL A 114 4.63 -17.42 19.62
C VAL A 114 3.28 -17.40 20.32
N ASP A 115 2.94 -18.51 20.98
CA ASP A 115 1.71 -18.59 21.71
C ASP A 115 1.96 -18.10 23.14
N TYR A 116 2.22 -16.80 23.25
CA TYR A 116 2.64 -16.21 24.51
C TYR A 116 1.54 -16.27 25.58
N GLU A 117 1.94 -16.11 26.85
CA GLU A 117 1.01 -16.09 27.96
C GLU A 117 0.22 -14.80 27.88
N ARG A 118 -1.12 -14.91 27.88
CA ARG A 118 -1.99 -13.77 27.69
C ARG A 118 -2.38 -13.08 29.00
N SER A 119 -2.81 -11.83 28.87
CA SER A 119 -3.29 -11.04 29.98
C SER A 119 -4.77 -11.25 30.25
N PRO A 120 -5.24 -10.96 31.48
CA PRO A 120 -4.49 -10.40 32.62
C PRO A 120 -3.70 -11.42 33.44
N GLU A 121 -3.84 -12.72 33.17
CA GLU A 121 -3.16 -13.72 33.99
C GLU A 121 -1.65 -13.54 33.99
N ALA A 122 -1.10 -13.23 32.81
CA ALA A 122 0.27 -12.73 32.66
C ALA A 122 0.22 -11.26 32.32
N ARG A 123 0.98 -10.46 33.05
CA ARG A 123 1.05 -9.05 32.75
C ARG A 123 2.44 -8.70 32.19
N TYR A 124 2.56 -7.49 31.66
CA TYR A 124 3.84 -6.95 31.24
C TYR A 124 4.89 -7.21 32.33
N PRO A 125 6.12 -7.64 31.95
CA PRO A 125 6.72 -7.86 30.63
C PRO A 125 6.84 -9.32 30.19
N VAL A 126 5.96 -10.20 30.66
CA VAL A 126 6.15 -11.63 30.41
C VAL A 126 6.17 -11.89 28.92
N ALA A 127 5.16 -11.41 28.21
CA ALA A 127 5.00 -11.75 26.79
C ALA A 127 6.14 -11.22 25.94
N ILE A 128 6.56 -9.99 26.16
CA ILE A 128 7.65 -9.47 25.35
C ILE A 128 8.96 -10.23 25.61
N GLU A 129 9.17 -10.69 26.84
CA GLU A 129 10.37 -11.47 27.13
C GLU A 129 10.28 -12.87 26.55
N GLN A 130 9.09 -13.47 26.55
CA GLN A 130 8.87 -14.72 25.81
C GLN A 130 9.15 -14.51 24.32
N ASP A 131 8.56 -13.45 23.77
CA ASP A 131 8.75 -13.09 22.38
C ASP A 131 10.23 -12.96 22.02
N TYR A 132 10.96 -12.15 22.81
CA TYR A 132 12.40 -11.98 22.57
C TYR A 132 13.14 -13.33 22.70
N ALA A 133 12.81 -14.11 23.74
CA ALA A 133 13.50 -15.38 23.97
C ALA A 133 13.30 -16.37 22.81
N VAL A 134 12.10 -16.41 22.22
CA VAL A 134 11.83 -17.33 21.12
C VAL A 134 12.59 -16.86 19.88
N THR A 135 12.67 -15.55 19.68
CA THR A 135 13.38 -15.01 18.53
C THR A 135 14.86 -15.38 18.61
N LYS A 136 15.45 -15.19 19.79
CA LYS A 136 16.82 -15.62 20.07
C LYS A 136 16.99 -17.13 19.90
N TYR A 137 16.03 -17.91 20.43
CA TYR A 137 16.09 -19.36 20.32
C TYR A 137 16.14 -19.79 18.85
N VAL A 138 15.26 -19.23 18.03
CA VAL A 138 15.23 -19.58 16.63
C VAL A 138 16.60 -19.30 15.99
N ALA A 139 17.19 -18.14 16.30
CA ALA A 139 18.47 -17.76 15.71
C ALA A 139 19.57 -18.72 16.15
N GLU A 140 19.44 -19.28 17.35
CA GLU A 140 20.49 -20.13 17.92
C GLU A 140 20.26 -21.64 17.78
N HIS A 141 19.16 -22.03 17.16
CA HIS A 141 18.83 -23.45 16.98
C HIS A 141 18.39 -23.71 15.55
N SER A 142 19.10 -23.11 14.61
CA SER A 142 18.68 -23.14 13.22
C SER A 142 18.86 -24.50 12.56
N GLU A 143 19.83 -25.31 13.02
CA GLU A 143 20.01 -26.61 12.38
C GLU A 143 18.82 -27.49 12.76
N GLN A 144 18.41 -27.44 14.02
CA GLN A 144 17.27 -28.23 14.49
C GLN A 144 15.93 -27.81 13.85
N LEU A 145 15.77 -26.52 13.58
CA LEU A 145 14.53 -26.02 12.99
C LEU A 145 14.60 -26.01 11.46
N ASN A 146 15.78 -26.32 10.94
CA ASN A 146 16.03 -26.30 9.50
C ASN A 146 15.70 -24.96 8.89
N VAL A 147 16.21 -23.90 9.52
CA VAL A 147 16.04 -22.55 8.98
C VAL A 147 17.39 -21.88 8.83
N ASP A 148 17.40 -20.77 8.11
CA ASP A 148 18.57 -19.96 7.88
C ASP A 148 18.50 -18.74 8.81
N PRO A 149 19.33 -18.73 9.87
CA PRO A 149 19.24 -17.68 10.89
C PRO A 149 19.72 -16.33 10.38
N THR A 150 20.36 -16.27 9.22
CA THR A 150 20.80 -15.00 8.67
C THR A 150 19.68 -14.32 7.89
N ARG A 151 18.54 -15.00 7.77
CA ARG A 151 17.37 -14.46 7.12
C ARG A 151 16.16 -14.65 8.03
N LEU A 152 16.19 -13.92 9.13
CA LEU A 152 15.17 -13.98 10.16
C LEU A 152 14.44 -12.65 10.18
N ALA A 153 13.12 -12.71 9.99
CA ALA A 153 12.28 -11.52 10.12
C ALA A 153 11.36 -11.66 11.30
N ILE A 154 10.84 -10.53 11.77
CA ILE A 154 9.80 -10.54 12.79
C ILE A 154 8.59 -9.77 12.29
N ALA A 155 7.42 -10.14 12.80
CA ALA A 155 6.17 -9.56 12.34
C ALA A 155 5.07 -9.75 13.36
N GLY A 156 4.10 -8.84 13.32
CA GLY A 156 3.00 -8.91 14.24
C GLY A 156 1.90 -7.91 13.91
N ASP A 157 0.72 -8.17 14.44
CA ASP A 157 -0.46 -7.34 14.20
C ASP A 157 -1.00 -6.75 15.52
N SER A 158 -1.33 -5.45 15.50
CA SER A 158 -2.00 -4.79 16.65
C SER A 158 -1.11 -4.80 17.91
N VAL A 159 -1.53 -5.40 19.03
CA VAL A 159 -0.60 -5.46 20.18
C VAL A 159 0.63 -6.29 19.78
N GLY A 160 0.48 -7.14 18.79
CA GLY A 160 1.58 -7.94 18.28
C GLY A 160 2.56 -7.07 17.50
N GLY A 161 2.07 -5.96 16.97
CA GLY A 161 2.93 -4.94 16.40
C GLY A 161 3.72 -4.17 17.46
N ASN A 162 3.08 -3.93 18.60
CA ASN A 162 3.79 -3.47 19.78
C ASN A 162 4.93 -4.45 20.12
N MET A 163 4.63 -5.72 20.15
CA MET A 163 5.63 -6.71 20.48
C MET A 163 6.77 -6.72 19.46
N THR A 164 6.45 -6.54 18.20
CA THR A 164 7.47 -6.50 17.14
C THR A 164 8.43 -5.34 17.37
N ALA A 165 7.87 -4.17 17.63
CA ALA A 165 8.69 -3.00 17.87
C ALA A 165 9.61 -3.20 19.08
N VAL A 166 9.09 -3.80 20.14
CA VAL A 166 9.84 -3.94 21.37
C VAL A 166 10.91 -5.01 21.22
N VAL A 167 10.60 -6.09 20.50
CA VAL A 167 11.63 -7.11 20.27
C VAL A 167 12.79 -6.49 19.46
N SER A 168 12.49 -5.65 18.47
CA SER A 168 13.53 -4.95 17.72
C SER A 168 14.39 -4.10 18.66
N LEU A 169 13.71 -3.39 19.57
CA LEU A 169 14.39 -2.57 20.54
C LEU A 169 15.26 -3.41 21.47
N LEU A 170 14.73 -4.53 21.95
CA LEU A 170 15.51 -5.38 22.86
C LEU A 170 16.71 -6.00 22.14
N ALA A 171 16.53 -6.38 20.88
CA ALA A 171 17.61 -6.98 20.11
C ALA A 171 18.73 -5.96 19.90
N GLN A 172 18.37 -4.69 19.66
CA GLN A 172 19.39 -3.63 19.61
C GLN A 172 20.16 -3.51 20.92
N GLU A 173 19.44 -3.48 22.04
CA GLU A 173 20.05 -3.30 23.35
C GLU A 173 20.91 -4.50 23.79
N ARG A 174 20.47 -5.69 23.43
CA ARG A 174 21.12 -6.91 23.90
C ARG A 174 22.15 -7.46 22.91
N GLY A 175 22.33 -6.79 21.78
CA GLY A 175 23.34 -7.18 20.81
C GLY A 175 22.95 -8.34 19.92
N GLY A 176 21.65 -8.55 19.76
CA GLY A 176 21.16 -9.59 18.89
C GLY A 176 19.85 -10.14 19.41
N PRO A 177 19.26 -11.06 18.64
CA PRO A 177 19.79 -11.57 17.39
C PRO A 177 19.62 -10.63 16.20
N ASP A 178 20.32 -10.92 15.12
CA ASP A 178 20.17 -10.13 13.89
C ASP A 178 18.80 -10.28 13.26
N ILE A 179 18.18 -9.15 12.89
CA ILE A 179 16.86 -9.16 12.27
C ILE A 179 16.97 -8.56 10.87
N THR A 180 16.38 -9.24 9.88
CA THR A 180 16.51 -8.84 8.47
C THR A 180 15.46 -7.81 8.05
N ALA A 181 14.25 -7.98 8.57
CA ALA A 181 13.13 -7.08 8.30
C ALA A 181 12.08 -7.24 9.38
N GLN A 182 11.26 -6.21 9.55
CA GLN A 182 10.16 -6.25 10.48
C GLN A 182 8.88 -5.77 9.83
N VAL A 183 7.79 -6.44 10.11
CA VAL A 183 6.47 -6.05 9.59
C VAL A 183 5.52 -5.79 10.75
N LEU A 184 4.87 -4.63 10.71
CA LEU A 184 3.95 -4.23 11.77
C LEU A 184 2.61 -3.86 11.16
N PHE A 185 1.62 -4.72 11.36
CA PHE A 185 0.25 -4.40 10.96
C PHE A 185 -0.40 -3.60 12.07
N TYR A 186 -0.87 -2.41 11.69
CA TYR A 186 -1.60 -1.48 12.57
C TYR A 186 -1.18 -1.63 14.05
N PRO A 187 0.08 -1.29 14.31
CA PRO A 187 0.64 -1.54 15.64
C PRO A 187 0.11 -0.60 16.73
N VAL A 188 0.10 -1.11 17.95
CA VAL A 188 -0.08 -0.29 19.14
C VAL A 188 1.29 0.25 19.56
N THR A 189 1.47 1.56 19.63
CA THR A 189 2.77 2.14 19.94
C THR A 189 2.79 3.23 21.00
N ASP A 190 1.60 3.68 21.41
CA ASP A 190 1.46 4.78 22.38
C ASP A 190 0.26 4.47 23.27
N ALA A 191 0.06 5.31 24.28
CA ALA A 191 -1.10 5.17 25.15
C ALA A 191 -1.71 6.56 25.36
N ASP A 192 -1.62 7.39 24.32
CA ASP A 192 -2.25 8.72 24.35
C ASP A 192 -3.66 8.61 23.76
N PHE A 193 -4.63 8.50 24.67
CA PHE A 193 -6.02 8.25 24.28
C PHE A 193 -6.74 9.53 23.84
N ASP A 194 -6.01 10.64 23.72
CA ASP A 194 -6.58 11.92 23.32
C ASP A 194 -6.01 12.47 22.01
N ASN A 195 -5.27 11.65 21.26
CA ASN A 195 -4.77 12.12 19.97
C ASN A 195 -5.88 12.18 18.94
N GLY A 196 -5.51 12.52 17.70
CA GLY A 196 -6.48 12.77 16.65
C GLY A 196 -7.39 11.59 16.35
N SER A 197 -6.80 10.44 16.05
CA SER A 197 -7.59 9.28 15.64
C SER A 197 -8.31 8.64 16.83
N TYR A 198 -7.73 8.69 18.02
CA TYR A 198 -8.42 8.17 19.21
C TYR A 198 -9.67 9.02 19.47
N THR A 199 -9.56 10.33 19.21
CA THR A 199 -10.69 11.23 19.45
C THR A 199 -11.76 11.01 18.40
N GLU A 200 -11.34 10.89 17.15
CA GLU A 200 -12.28 10.81 16.05
C GLU A 200 -13.02 9.48 16.06
N PHE A 201 -12.29 8.40 16.35
CA PHE A 201 -12.84 7.06 16.26
C PHE A 201 -13.08 6.44 17.63
N ALA A 202 -13.23 7.29 18.64
CA ALA A 202 -13.40 6.82 20.01
C ALA A 202 -14.57 5.85 20.14
N ASN A 203 -15.61 6.08 19.34
CA ASN A 203 -16.80 5.23 19.39
C ASN A 203 -16.88 4.24 18.21
N GLY A 204 -15.71 3.89 17.65
CA GLY A 204 -15.63 2.89 16.59
C GLY A 204 -15.33 3.51 15.24
N PRO A 205 -15.41 2.70 14.17
CA PRO A 205 -15.96 1.33 14.12
C PRO A 205 -15.05 0.25 14.69
N TRP A 206 -15.71 -0.78 15.22
CA TRP A 206 -15.11 -2.06 15.65
C TRP A 206 -14.30 -1.91 16.94
N LEU A 207 -13.23 -1.14 16.92
CA LEU A 207 -12.40 -0.89 18.10
C LEU A 207 -12.71 0.49 18.71
N THR A 208 -12.98 0.53 20.00
CA THR A 208 -13.33 1.79 20.65
C THR A 208 -12.27 2.20 21.69
N LYS A 209 -12.35 3.46 22.13
CA LYS A 209 -11.40 3.94 23.11
C LYS A 209 -11.58 3.17 24.42
N PRO A 210 -12.84 3.00 24.89
CA PRO A 210 -13.04 2.24 26.13
C PRO A 210 -12.48 0.82 26.06
N ALA A 211 -12.53 0.22 24.88
CA ALA A 211 -11.96 -1.12 24.72
C ALA A 211 -10.45 -1.08 24.87
N MET A 212 -9.81 -0.12 24.22
CA MET A 212 -8.35 0.01 24.34
C MET A 212 -7.97 0.33 25.78
N ASP A 213 -8.77 1.14 26.46
CA ASP A 213 -8.53 1.44 27.87
C ASP A 213 -8.50 0.13 28.66
N TRP A 214 -9.42 -0.77 28.36
CA TRP A 214 -9.54 -2.02 29.11
C TRP A 214 -8.38 -2.96 28.79
N PHE A 215 -8.04 -3.10 27.51
CA PHE A 215 -6.93 -3.96 27.10
C PHE A 215 -5.65 -3.54 27.78
N TRP A 216 -5.37 -2.24 27.76
CA TRP A 216 -4.17 -1.70 28.39
C TRP A 216 -4.14 -2.01 29.89
N ASN A 217 -5.31 -1.94 30.54
CA ASN A 217 -5.40 -2.22 31.98
C ASN A 217 -5.27 -3.70 32.28
N GLN A 218 -5.56 -4.56 31.30
CA GLN A 218 -5.35 -6.00 31.50
C GLN A 218 -3.87 -6.33 31.37
N TYR A 219 -3.22 -5.69 30.40
CA TYR A 219 -1.80 -5.91 30.08
C TYR A 219 -0.87 -5.42 31.19
N LEU A 220 -1.15 -4.21 31.69
CA LEU A 220 -0.25 -3.54 32.61
C LEU A 220 -0.63 -3.66 34.08
N PRO A 221 0.39 -3.74 34.94
CA PRO A 221 0.15 -3.51 36.36
C PRO A 221 -0.37 -2.12 36.58
N GLU A 222 -1.24 -1.96 37.57
CA GLU A 222 -1.76 -0.65 37.94
C GLU A 222 -0.62 0.33 38.26
N GLY A 223 -0.68 1.52 37.68
CA GLY A 223 0.20 2.61 38.08
C GLY A 223 1.57 2.67 37.42
N ILE A 224 1.84 1.70 36.56
CA ILE A 224 3.13 1.63 35.87
C ILE A 224 3.29 2.81 34.93
N ASP A 225 4.52 3.29 34.78
CA ASP A 225 4.79 4.42 33.88
C ASP A 225 4.72 3.99 32.43
N ARG A 226 3.65 4.40 31.78
CA ARG A 226 3.39 3.92 30.43
C ARG A 226 4.30 4.56 29.38
N THR A 227 5.06 5.60 29.74
CA THR A 227 5.91 6.28 28.76
C THR A 227 7.21 5.54 28.46
N ASP A 228 7.49 4.48 29.19
CA ASP A 228 8.75 3.77 28.97
C ASP A 228 8.73 3.11 27.57
N PRO A 229 9.85 3.17 26.84
CA PRO A 229 9.82 2.67 25.46
C PRO A 229 9.49 1.19 25.30
N LYS A 230 9.69 0.37 26.34
CA LYS A 230 9.42 -1.06 26.23
C LYS A 230 7.91 -1.33 26.37
N ILE A 231 7.17 -0.28 26.71
CA ILE A 231 5.70 -0.31 26.77
C ILE A 231 5.12 0.47 25.59
N THR A 232 5.58 1.71 25.41
CA THR A 232 5.14 2.55 24.29
C THR A 232 6.36 2.95 23.42
N PRO A 233 6.67 2.13 22.40
CA PRO A 233 7.91 2.32 21.63
C PRO A 233 7.97 3.65 20.85
N ILE A 234 6.88 4.40 20.79
CA ILE A 234 6.90 5.74 20.17
C ILE A 234 7.92 6.63 20.91
N HIS A 235 8.23 6.27 22.16
CA HIS A 235 9.13 7.06 23.01
C HIS A 235 10.56 6.57 22.97
N ALA A 236 10.84 5.57 22.14
CA ALA A 236 12.20 5.09 21.96
C ALA A 236 13.07 6.24 21.46
N THR A 237 14.33 6.25 21.86
CA THR A 237 15.23 7.29 21.39
C THR A 237 15.70 6.99 19.97
N SER A 238 16.14 8.02 19.26
CA SER A 238 16.64 7.83 17.91
C SER A 238 17.78 6.82 17.97
N GLU A 239 18.45 6.76 19.11
CA GLU A 239 19.48 5.74 19.39
C GLU A 239 18.96 4.30 19.39
N GLN A 240 17.90 4.04 20.15
CA GLN A 240 17.32 2.71 20.22
C GLN A 240 16.77 2.26 18.88
N LEU A 241 16.49 3.22 18.01
CA LEU A 241 15.86 2.94 16.73
C LEU A 241 16.86 2.81 15.58
N SER A 242 17.91 3.61 15.61
CA SER A 242 18.88 3.59 14.53
C SER A 242 19.47 2.19 14.46
N GLY A 243 19.71 1.71 13.25
CA GLY A 243 20.30 0.39 13.14
C GLY A 243 19.27 -0.74 13.14
N GLN A 244 18.01 -0.44 13.42
CA GLN A 244 16.98 -1.48 13.32
C GLN A 244 16.75 -1.91 11.87
N ALA A 245 16.08 -3.05 11.70
CA ALA A 245 15.86 -3.63 10.38
C ALA A 245 14.83 -2.82 9.62
N PRO A 246 14.91 -2.84 8.29
CA PRO A 246 13.87 -2.22 7.46
C PRO A 246 12.48 -2.67 7.89
N ALA A 247 11.54 -1.74 7.84
CA ALA A 247 10.19 -1.95 8.37
C ALA A 247 9.12 -1.68 7.32
N LEU A 248 8.08 -2.50 7.39
CA LEU A 248 6.82 -2.26 6.73
C LEU A 248 5.77 -2.00 7.80
N VAL A 249 5.12 -0.85 7.71
CA VAL A 249 4.08 -0.48 8.66
C VAL A 249 2.81 -0.18 7.88
N ILE A 250 1.76 -0.91 8.21
CA ILE A 250 0.48 -0.81 7.50
C ILE A 250 -0.59 -0.33 8.45
N THR A 251 -1.31 0.72 8.09
CA THR A 251 -2.33 1.25 8.97
C THR A 251 -3.70 1.25 8.28
N ALA A 252 -4.72 1.39 9.12
CA ALA A 252 -6.11 1.48 8.65
C ALA A 252 -6.63 2.90 8.80
N GLU A 253 -7.43 3.35 7.82
CA GLU A 253 -7.96 4.71 7.82
C GLU A 253 -8.84 4.97 9.02
N ASN A 254 -9.71 4.01 9.32
CA ASN A 254 -10.75 4.20 10.33
C ASN A 254 -10.44 3.39 11.60
N ASP A 255 -9.58 3.96 12.44
CA ASP A 255 -8.90 3.20 13.49
C ASP A 255 -8.35 4.17 14.52
N VAL A 256 -8.75 4.00 15.79
CA VAL A 256 -8.18 4.82 16.87
C VAL A 256 -6.65 4.76 16.89
N LEU A 257 -6.08 3.61 16.49
CA LEU A 257 -4.65 3.41 16.56
C LEU A 257 -3.90 3.92 15.35
N ARG A 258 -4.63 4.46 14.37
CA ARG A 258 -4.01 4.90 13.12
C ARG A 258 -2.87 5.90 13.32
N ASP A 259 -3.12 6.97 14.06
CA ASP A 259 -2.16 8.07 14.14
C ASP A 259 -0.86 7.63 14.83
N GLU A 260 -0.96 6.80 15.86
CA GLU A 260 0.27 6.39 16.55
C GLU A 260 1.10 5.42 15.70
N GLY A 261 0.46 4.58 14.90
CA GLY A 261 1.21 3.73 13.99
C GLY A 261 1.96 4.54 12.94
N GLU A 262 1.30 5.54 12.37
CA GLU A 262 1.95 6.40 11.38
C GLU A 262 3.02 7.28 12.03
N ALA A 263 2.78 7.73 13.27
CA ALA A 263 3.79 8.50 13.97
C ALA A 263 5.02 7.66 14.26
N TYR A 264 4.82 6.38 14.53
CA TYR A 264 5.92 5.48 14.84
C TYR A 264 6.72 5.21 13.58
N ALA A 265 6.02 5.03 12.46
CA ALA A 265 6.72 4.89 11.19
C ALA A 265 7.59 6.14 10.94
N ARG A 266 7.09 7.35 11.25
CA ARG A 266 7.91 8.55 11.11
C ARG A 266 9.15 8.55 12.00
N LYS A 267 8.96 8.10 13.24
CA LYS A 267 10.06 8.05 14.20
C LYS A 267 11.17 7.12 13.69
N LEU A 268 10.79 5.96 13.18
CA LEU A 268 11.75 5.01 12.62
C LEU A 268 12.51 5.64 11.47
N SER A 269 11.77 6.31 10.59
CA SER A 269 12.36 6.91 9.41
C SER A 269 13.31 8.03 9.80
N GLN A 270 12.95 8.83 10.79
CA GLN A 270 13.82 9.90 11.25
C GLN A 270 15.13 9.32 11.80
N ALA A 271 15.06 8.10 12.34
CA ALA A 271 16.23 7.46 12.92
C ALA A 271 17.12 6.80 11.86
N GLY A 272 16.72 6.87 10.60
CA GLY A 272 17.50 6.34 9.49
C GLY A 272 17.11 4.93 9.06
N VAL A 273 16.05 4.39 9.66
CA VAL A 273 15.53 3.09 9.25
C VAL A 273 14.74 3.22 7.94
N ASP A 274 14.93 2.28 7.02
CA ASP A 274 14.21 2.27 5.76
C ASP A 274 12.76 1.79 6.01
N VAL A 275 11.79 2.73 5.93
CA VAL A 275 10.41 2.45 6.31
C VAL A 275 9.44 2.58 5.12
N THR A 276 8.79 1.47 4.82
CA THR A 276 7.66 1.45 3.91
C THR A 276 6.38 1.59 4.73
N VAL A 277 5.63 2.67 4.53
CA VAL A 277 4.48 2.92 5.38
C VAL A 277 3.29 3.27 4.49
N THR A 278 2.22 2.50 4.65
N THR A 278 2.20 2.52 4.68
CA THR A 278 1.03 2.63 3.84
CA THR A 278 1.03 2.55 3.82
C THR A 278 -0.24 2.60 4.68
C THR A 278 -0.28 2.54 4.63
N ARG A 279 -1.14 3.52 4.38
CA ARG A 279 -2.47 3.57 4.98
C ARG A 279 -3.48 3.01 3.99
N TYR A 280 -4.30 2.07 4.45
CA TYR A 280 -5.37 1.53 3.63
C TYR A 280 -6.69 2.25 3.94
N ASN A 281 -7.25 2.91 2.94
CA ASN A 281 -8.55 3.53 3.12
C ASN A 281 -9.75 2.58 3.03
N GLY A 282 -10.83 2.99 3.70
CA GLY A 282 -12.09 2.27 3.63
C GLY A 282 -12.21 1.09 4.56
N THR A 283 -11.22 0.91 5.43
CA THR A 283 -11.17 -0.28 6.28
C THR A 283 -10.93 0.08 7.74
N ILE A 284 -10.82 -0.95 8.56
CA ILE A 284 -10.87 -0.82 10.01
C ILE A 284 -9.68 -1.55 10.66
N HIS A 285 -9.55 -1.41 11.97
CA HIS A 285 -8.52 -2.15 12.70
C HIS A 285 -8.74 -3.65 12.53
N ASP A 286 -7.67 -4.42 12.69
CA ASP A 286 -7.71 -5.90 12.59
C ASP A 286 -8.04 -6.43 11.20
N PHE A 287 -7.89 -5.61 10.14
CA PHE A 287 -8.47 -6.00 8.86
C PHE A 287 -7.73 -7.10 8.09
N VAL A 288 -6.48 -7.41 8.44
CA VAL A 288 -5.82 -8.55 7.79
C VAL A 288 -5.98 -9.86 8.56
N MET A 289 -6.51 -9.80 9.78
CA MET A 289 -6.77 -11.00 10.58
C MET A 289 -8.21 -11.52 10.46
N LEU A 290 -9.17 -10.60 10.47
CA LEU A 290 -10.59 -10.96 10.55
C LEU A 290 -11.04 -11.69 9.29
N ASN A 291 -11.52 -12.91 9.48
CA ASN A 291 -11.94 -13.73 8.35
C ASN A 291 -13.10 -13.10 7.59
N VAL A 292 -13.98 -12.40 8.31
CA VAL A 292 -15.14 -11.78 7.67
C VAL A 292 -14.70 -10.71 6.64
N LEU A 293 -13.47 -10.20 6.77
CA LEU A 293 -12.97 -9.20 5.82
C LEU A 293 -11.94 -9.74 4.83
N ALA A 294 -11.71 -11.05 4.82
CA ALA A 294 -10.60 -11.61 4.05
C ALA A 294 -10.65 -11.40 2.52
N ASP A 295 -11.86 -11.21 1.99
N ASP A 295 -11.86 -11.22 1.99
CA ASP A 295 -12.05 -11.01 0.56
CA ASP A 295 -12.05 -11.00 0.56
C ASP A 295 -12.29 -9.53 0.22
C ASP A 295 -12.33 -9.54 0.23
N THR A 296 -12.18 -8.65 1.22
CA THR A 296 -12.27 -7.20 0.94
C THR A 296 -10.98 -6.68 0.29
N PRO A 297 -11.08 -5.60 -0.48
CA PRO A 297 -9.86 -5.22 -1.21
C PRO A 297 -8.72 -4.80 -0.30
N ALA A 298 -9.02 -4.19 0.84
CA ALA A 298 -7.95 -3.75 1.73
C ALA A 298 -7.22 -4.96 2.33
N ALA A 299 -7.97 -5.96 2.75
CA ALA A 299 -7.35 -7.14 3.34
C ALA A 299 -6.47 -7.86 2.31
N LYS A 300 -7.00 -8.06 1.10
CA LYS A 300 -6.27 -8.76 0.06
C LYS A 300 -5.01 -7.98 -0.30
N GLY A 301 -5.14 -6.65 -0.40
CA GLY A 301 -4.01 -5.83 -0.79
C GLY A 301 -2.88 -5.85 0.22
N ALA A 302 -3.25 -5.73 1.50
CA ALA A 302 -2.30 -5.62 2.60
C ALA A 302 -1.58 -6.94 2.79
N ILE A 303 -2.30 -8.05 2.69
CA ILE A 303 -1.65 -9.35 2.82
C ILE A 303 -0.69 -9.61 1.66
N ALA A 304 -1.11 -9.25 0.45
CA ALA A 304 -0.25 -9.42 -0.70
C ALA A 304 0.99 -8.53 -0.57
N GLN A 305 0.79 -7.30 -0.11
CA GLN A 305 1.90 -6.37 0.08
C GLN A 305 2.89 -6.90 1.12
N ALA A 306 2.38 -7.37 2.25
CA ALA A 306 3.25 -7.83 3.32
C ALA A 306 3.96 -9.11 2.90
N GLY A 307 3.25 -9.97 2.20
CA GLY A 307 3.83 -11.23 1.72
C GLY A 307 5.01 -11.01 0.78
N GLN A 308 4.80 -10.11 -0.16
CA GLN A 308 5.81 -9.72 -1.14
C GLN A 308 7.00 -9.00 -0.50
N TYR A 309 6.72 -8.11 0.44
CA TYR A 309 7.75 -7.37 1.17
C TYR A 309 8.66 -8.37 1.88
N LEU A 310 8.05 -9.34 2.54
CA LEU A 310 8.80 -10.38 3.26
C LEU A 310 9.54 -11.29 2.28
N HIS A 311 8.89 -11.69 1.19
CA HIS A 311 9.56 -12.53 0.21
C HIS A 311 10.84 -11.85 -0.33
N THR A 312 10.73 -10.57 -0.66
CA THR A 312 11.87 -9.81 -1.15
C THR A 312 12.97 -9.69 -0.10
N ALA A 313 12.58 -9.41 1.14
CA ALA A 313 13.56 -9.25 2.21
C ALA A 313 14.31 -10.54 2.51
N LEU A 314 13.62 -11.67 2.34
CA LEU A 314 14.16 -12.94 2.79
C LEU A 314 14.76 -13.76 1.66
N HIS A 315 14.54 -13.36 0.42
CA HIS A 315 15.01 -14.16 -0.74
C HIS A 315 15.74 -13.30 -1.75
N GLY A 316 15.57 -11.98 -1.68
CA GLY A 316 16.28 -11.08 -2.55
C GLY A 316 17.74 -10.99 -2.14
N PRO B 2 3.40 16.56 6.37
CA PRO B 2 4.29 15.92 7.34
C PRO B 2 5.69 15.61 6.81
N VAL B 3 6.58 15.19 7.69
CA VAL B 3 8.00 15.03 7.37
C VAL B 3 8.19 13.94 6.32
N LEU B 4 9.09 14.21 5.37
CA LEU B 4 9.39 13.26 4.31
C LEU B 4 10.48 12.25 4.67
N GLU B 5 10.40 11.10 4.01
CA GLU B 5 11.50 10.16 3.94
C GLU B 5 12.82 10.92 3.61
N PRO B 6 13.96 10.53 4.20
CA PRO B 6 15.12 11.43 4.11
C PRO B 6 15.68 11.69 2.70
N THR B 7 15.76 10.68 1.84
CA THR B 7 16.27 10.89 0.49
C THR B 7 15.34 11.83 -0.29
N THR B 8 14.03 11.68 -0.04
CA THR B 8 13.01 12.49 -0.69
C THR B 8 13.17 13.93 -0.20
N GLN B 9 13.43 14.11 1.10
CA GLN B 9 13.64 15.45 1.64
C GLN B 9 14.92 16.07 1.05
N LYS B 10 15.96 15.27 0.84
CA LYS B 10 17.20 15.77 0.25
C LYS B 10 16.93 16.38 -1.14
N PHE B 11 16.09 15.70 -1.91
CA PHE B 11 15.70 16.16 -3.24
C PHE B 11 14.98 17.49 -3.12
N ILE B 12 14.00 17.55 -2.23
CA ILE B 12 13.25 18.78 -2.01
C ILE B 12 14.20 19.91 -1.56
N ASN B 13 15.12 19.61 -0.63
CA ASN B 13 16.08 20.63 -0.22
C ASN B 13 16.94 21.12 -1.37
N ALA B 14 17.32 20.24 -2.29
CA ALA B 14 18.13 20.68 -3.42
C ALA B 14 17.33 21.60 -4.34
N LEU B 15 16.04 21.32 -4.51
CA LEU B 15 15.20 22.19 -5.31
C LEU B 15 15.06 23.57 -4.68
N SER B 16 14.84 23.63 -3.37
CA SER B 16 14.65 24.93 -2.71
C SER B 16 15.94 25.74 -2.79
N ALA B 17 17.08 25.06 -2.74
CA ALA B 17 18.36 25.74 -2.82
C ALA B 17 18.69 26.26 -4.22
N SER B 18 18.41 25.45 -5.24
N SER B 18 18.42 25.46 -5.25
CA SER B 18 18.93 25.73 -6.58
CA SER B 18 18.91 25.80 -6.59
C SER B 18 17.98 25.34 -7.73
C SER B 18 17.96 25.40 -7.74
N GLY B 19 16.69 25.19 -7.42
CA GLY B 19 15.71 24.75 -8.42
C GLY B 19 15.41 25.73 -9.54
N GLY B 20 15.72 27.02 -9.36
CA GLY B 20 15.50 28.02 -10.39
C GLY B 20 14.08 28.56 -10.48
N PRO B 21 13.70 29.12 -11.64
CA PRO B 21 12.33 29.62 -11.83
C PRO B 21 11.26 28.54 -11.73
N ALA B 22 10.09 28.95 -11.27
CA ALA B 22 8.96 28.03 -11.17
C ALA B 22 8.57 27.52 -12.56
N ILE B 23 8.23 26.23 -12.62
CA ILE B 23 7.95 25.55 -13.88
C ILE B 23 6.92 26.29 -14.73
N TYR B 24 5.93 26.89 -14.08
CA TYR B 24 4.82 27.53 -14.80
C TYR B 24 5.18 28.91 -15.36
N THR B 25 6.40 29.38 -15.12
CA THR B 25 6.88 30.61 -15.70
C THR B 25 7.72 30.33 -16.94
N LEU B 26 7.92 29.06 -17.24
CA LEU B 26 8.67 28.65 -18.41
C LEU B 26 7.77 28.48 -19.64
N THR B 27 8.35 28.52 -20.84
CA THR B 27 7.59 28.06 -22.00
C THR B 27 7.36 26.56 -21.90
N PRO B 28 6.33 26.05 -22.60
CA PRO B 28 6.13 24.59 -22.57
C PRO B 28 7.35 23.81 -23.07
N ALA B 29 8.03 24.31 -24.10
CA ALA B 29 9.26 23.67 -24.57
C ALA B 29 10.31 23.54 -23.46
N GLU B 30 10.49 24.63 -22.72
CA GLU B 30 11.47 24.70 -21.63
C GLU B 30 11.09 23.77 -20.49
N ALA B 31 9.82 23.76 -20.12
CA ALA B 31 9.31 22.90 -19.06
C ALA B 31 9.53 21.44 -19.42
N ARG B 32 9.25 21.11 -20.67
CA ARG B 32 9.45 19.76 -21.18
C ARG B 32 10.92 19.34 -21.01
N ASP B 33 11.80 20.25 -21.34
CA ASP B 33 13.22 19.97 -21.29
C ASP B 33 13.72 19.82 -19.87
N VAL B 34 13.15 20.56 -18.93
CA VAL B 34 13.53 20.37 -17.52
C VAL B 34 13.29 18.92 -17.08
N LEU B 35 12.08 18.41 -17.34
CA LEU B 35 11.74 17.07 -16.88
C LEU B 35 12.48 16.01 -17.66
N SER B 36 12.61 16.22 -18.97
CA SER B 36 13.33 15.28 -19.80
C SER B 36 14.78 15.16 -19.29
N GLY B 37 15.39 16.30 -18.99
CA GLY B 37 16.75 16.30 -18.45
C GLY B 37 16.81 15.63 -17.11
N ALA B 38 15.82 15.88 -16.25
CA ALA B 38 15.84 15.33 -14.91
C ALA B 38 15.79 13.80 -14.94
N GLN B 39 15.16 13.26 -15.98
CA GLN B 39 14.92 11.83 -16.10
C GLN B 39 15.87 11.11 -17.05
N SER B 40 16.88 11.79 -17.57
CA SER B 40 17.70 11.18 -18.62
C SER B 40 19.01 10.59 -18.05
N GLY B 41 19.11 10.51 -16.73
CA GLY B 41 20.29 9.92 -16.09
C GLY B 41 20.40 8.42 -16.31
N GLU B 42 21.62 7.92 -16.44
CA GLU B 42 21.80 6.47 -16.54
C GLU B 42 21.39 5.89 -15.21
N ILE B 43 20.50 4.91 -15.24
CA ILE B 43 19.97 4.34 -14.02
C ILE B 43 19.54 2.90 -14.27
N ALA B 44 19.67 2.04 -13.27
CA ALA B 44 19.22 0.65 -13.41
C ALA B 44 17.74 0.61 -13.80
N LYS B 45 17.41 -0.19 -14.81
CA LYS B 45 16.04 -0.31 -15.33
C LYS B 45 15.80 -1.77 -15.70
N PRO B 46 14.54 -2.22 -15.63
CA PRO B 46 14.19 -3.57 -16.08
C PRO B 46 14.45 -3.80 -17.57
N ALA B 47 14.85 -5.01 -17.94
CA ALA B 47 15.12 -5.33 -19.34
C ALA B 47 13.84 -5.61 -20.14
N VAL B 48 13.69 -4.90 -21.25
CA VAL B 48 12.50 -5.03 -22.08
C VAL B 48 12.88 -4.99 -23.55
N ASP B 49 11.90 -5.36 -24.38
CA ASP B 49 11.94 -5.10 -25.79
C ASP B 49 11.06 -3.88 -26.06
N ILE B 50 11.49 -3.03 -26.99
CA ILE B 50 10.80 -1.80 -27.33
C ILE B 50 10.55 -1.66 -28.83
N THR B 51 9.32 -1.28 -29.16
CA THR B 51 8.94 -0.97 -30.54
C THR B 51 8.22 0.37 -30.55
N ASP B 52 8.75 1.34 -31.31
CA ASP B 52 8.06 2.61 -31.48
C ASP B 52 7.33 2.59 -32.79
N THR B 53 6.05 2.92 -32.78
CA THR B 53 5.30 2.91 -34.03
C THR B 53 4.14 3.86 -33.91
N THR B 54 3.21 3.74 -34.85
N THR B 54 3.22 3.77 -34.88
CA THR B 54 2.07 4.64 -34.97
CA THR B 54 2.05 4.62 -34.89
C THR B 54 0.83 3.83 -35.32
C THR B 54 0.84 3.80 -35.28
N PHE B 55 -0.27 4.08 -34.62
CA PHE B 55 -1.57 3.47 -34.94
C PHE B 55 -2.38 4.55 -35.64
N ALA B 56 -2.96 4.25 -36.81
CA ALA B 56 -3.69 5.23 -37.60
C ALA B 56 -5.12 5.46 -37.07
N VAL B 57 -5.21 5.92 -35.82
CA VAL B 57 -6.47 6.18 -35.17
C VAL B 57 -6.38 7.45 -34.32
N GLY B 58 -7.53 7.90 -33.83
CA GLY B 58 -7.61 9.08 -33.00
C GLY B 58 -7.95 10.31 -33.80
N PRO B 59 -8.15 11.43 -33.11
CA PRO B 59 -8.67 12.66 -33.72
C PRO B 59 -7.75 13.29 -34.77
N THR B 60 -6.44 13.01 -34.68
CA THR B 60 -5.47 13.54 -35.63
C THR B 60 -5.23 12.59 -36.80
N GLY B 61 -5.76 11.37 -36.68
CA GLY B 61 -5.54 10.33 -37.65
C GLY B 61 -4.33 9.45 -37.39
N ALA B 62 -3.52 9.81 -36.41
CA ALA B 62 -2.31 9.05 -36.11
C ALA B 62 -1.90 9.28 -34.68
N THR B 63 -1.74 8.20 -33.92
CA THR B 63 -1.28 8.30 -32.54
C THR B 63 0.02 7.53 -32.38
N LYS B 64 1.05 8.24 -31.93
CA LYS B 64 2.34 7.62 -31.63
C LYS B 64 2.23 6.73 -30.40
N VAL B 65 2.77 5.51 -30.50
CA VAL B 65 2.81 4.59 -29.36
C VAL B 65 4.19 3.93 -29.22
N ARG B 66 4.48 3.52 -27.99
CA ARG B 66 5.63 2.67 -27.69
C ARG B 66 5.13 1.38 -27.07
N ILE B 67 5.59 0.27 -27.64
CA ILE B 67 5.15 -1.05 -27.19
C ILE B 67 6.31 -1.71 -26.51
N ILE B 68 6.08 -2.10 -25.25
CA ILE B 68 7.11 -2.67 -24.40
C ILE B 68 6.70 -4.07 -24.00
N ARG B 69 7.65 -5.00 -24.03
CA ARG B 69 7.43 -6.39 -23.62
C ARG B 69 8.56 -6.84 -22.74
N PRO B 70 8.29 -7.79 -21.85
CA PRO B 70 9.43 -8.37 -21.14
C PRO B 70 10.44 -8.93 -22.14
N GLN B 71 11.72 -8.72 -21.87
CA GLN B 71 12.76 -8.92 -22.88
C GLN B 71 12.78 -10.35 -23.40
N GLY B 72 12.60 -10.48 -24.71
CA GLY B 72 12.68 -11.77 -25.37
C GLY B 72 11.41 -12.59 -25.35
N ASN B 73 10.37 -12.08 -24.72
CA ASN B 73 9.13 -12.83 -24.56
C ASN B 73 8.25 -12.64 -25.80
N THR B 74 7.92 -13.75 -26.48
CA THR B 74 7.12 -13.70 -27.70
C THR B 74 5.77 -14.35 -27.50
N ASP B 75 5.39 -14.55 -26.25
CA ASP B 75 4.10 -15.18 -25.96
C ASP B 75 2.92 -14.25 -26.24
N ARG B 76 1.74 -14.83 -26.47
CA ARG B 76 0.52 -14.05 -26.52
C ARG B 76 0.20 -13.57 -25.11
N LEU B 77 0.58 -12.33 -24.81
CA LEU B 77 0.52 -11.80 -23.46
C LEU B 77 -0.73 -10.98 -23.18
N PRO B 78 -1.14 -10.87 -21.91
CA PRO B 78 -2.09 -9.81 -21.58
C PRO B 78 -1.47 -8.45 -21.84
N VAL B 79 -2.27 -7.41 -21.79
CA VAL B 79 -1.77 -6.11 -22.22
C VAL B 79 -2.23 -4.97 -21.31
N ILE B 80 -1.34 -4.01 -21.12
CA ILE B 80 -1.64 -2.78 -20.39
C ILE B 80 -1.59 -1.62 -21.36
N VAL B 81 -2.60 -0.77 -21.38
CA VAL B 81 -2.52 0.49 -22.10
C VAL B 81 -2.25 1.59 -21.10
N TYR B 82 -1.18 2.36 -21.31
CA TYR B 82 -0.62 3.28 -20.30
C TYR B 82 -0.67 4.74 -20.73
N PHE B 83 -1.16 5.58 -19.82
CA PHE B 83 -1.32 7.02 -20.04
C PHE B 83 -0.45 7.79 -19.04
N HIS B 84 0.59 8.42 -19.56
CA HIS B 84 1.59 9.06 -18.72
C HIS B 84 1.16 10.40 -18.19
N GLY B 85 1.81 10.80 -17.10
CA GLY B 85 1.56 12.08 -16.46
C GLY B 85 2.57 13.13 -16.83
N ALA B 86 2.62 14.16 -15.98
CA ALA B 86 3.45 15.38 -16.07
C ALA B 86 2.69 16.58 -16.68
N GLY B 87 1.48 16.81 -16.18
CA GLY B 87 0.80 18.09 -16.30
C GLY B 87 0.16 18.44 -17.62
N TRP B 88 0.02 17.45 -18.49
CA TRP B 88 -0.48 17.59 -19.86
C TRP B 88 0.53 18.26 -20.78
N VAL B 89 1.38 19.12 -20.22
CA VAL B 89 2.39 19.84 -20.96
C VAL B 89 3.64 19.01 -21.23
N MET B 90 4.03 18.21 -20.24
N MET B 90 4.07 18.24 -20.23
CA MET B 90 5.31 17.53 -20.27
CA MET B 90 5.35 17.54 -20.28
C MET B 90 5.17 16.01 -20.40
C MET B 90 5.19 16.03 -20.36
N GLY B 91 6.31 15.33 -20.42
CA GLY B 91 6.33 13.87 -20.41
C GLY B 91 6.45 13.24 -21.78
N ASP B 92 7.09 12.08 -21.82
CA ASP B 92 7.29 11.34 -23.06
C ASP B 92 7.80 9.93 -22.73
N THR B 93 8.18 9.19 -23.76
CA THR B 93 8.59 7.80 -23.54
C THR B 93 9.84 7.73 -22.66
N GLY B 94 10.66 8.78 -22.68
CA GLY B 94 11.84 8.85 -21.83
C GLY B 94 11.60 9.16 -20.37
N THR B 95 10.70 10.10 -20.08
CA THR B 95 10.49 10.50 -18.69
C THR B 95 9.89 9.37 -17.87
N HIS B 96 9.08 8.53 -18.50
CA HIS B 96 8.35 7.49 -17.79
C HIS B 96 8.90 6.09 -18.08
N ASP B 97 10.06 6.04 -18.73
CA ASP B 97 10.66 4.79 -19.19
C ASP B 97 10.83 3.74 -18.09
N ARG B 98 11.49 4.11 -17.01
CA ARG B 98 11.74 3.16 -15.93
C ARG B 98 10.45 2.63 -15.33
N LEU B 99 9.50 3.53 -15.06
CA LEU B 99 8.23 3.14 -14.46
C LEU B 99 7.46 2.13 -15.32
N VAL B 100 7.32 2.40 -16.62
CA VAL B 100 6.48 1.52 -17.42
C VAL B 100 7.22 0.21 -17.71
N ARG B 101 8.56 0.23 -17.69
CA ARG B 101 9.31 -1.03 -17.77
C ARG B 101 9.02 -1.91 -16.54
N GLU B 102 9.01 -1.30 -15.37
CA GLU B 102 8.69 -2.03 -14.14
C GLU B 102 7.32 -2.67 -14.26
N LEU B 103 6.34 -1.93 -14.79
CA LEU B 103 4.99 -2.46 -14.86
C LEU B 103 4.89 -3.61 -15.84
N SER B 104 5.51 -3.48 -16.99
CA SER B 104 5.53 -4.55 -17.98
C SER B 104 6.13 -5.83 -17.41
N VAL B 105 7.32 -5.70 -16.80
CA VAL B 105 8.03 -6.88 -16.33
C VAL B 105 7.30 -7.49 -15.13
N ARG B 106 6.80 -6.65 -14.23
CA ARG B 106 6.17 -7.18 -13.01
C ARG B 106 4.81 -7.81 -13.33
N ALA B 107 4.07 -7.21 -14.26
CA ALA B 107 2.75 -7.74 -14.67
C ALA B 107 2.91 -8.92 -15.63
N ASN B 108 4.13 -9.11 -16.15
CA ASN B 108 4.40 -9.99 -17.28
C ASN B 108 3.39 -9.77 -18.40
N ALA B 109 3.38 -8.54 -18.89
CA ALA B 109 2.39 -8.09 -19.86
C ALA B 109 3.03 -7.18 -20.89
N ALA B 110 2.50 -7.19 -22.10
CA ALA B 110 2.79 -6.15 -23.07
C ALA B 110 2.23 -4.84 -22.54
N LEU B 111 2.95 -3.75 -22.80
CA LEU B 111 2.45 -2.44 -22.41
C LEU B 111 2.50 -1.48 -23.59
N VAL B 112 1.36 -0.82 -23.83
CA VAL B 112 1.24 0.10 -24.95
C VAL B 112 1.15 1.49 -24.36
N PHE B 113 2.21 2.22 -24.57
CA PHE B 113 2.41 3.56 -24.03
C PHE B 113 1.92 4.57 -25.03
N VAL B 114 0.91 5.36 -24.69
CA VAL B 114 0.39 6.34 -25.63
C VAL B 114 1.17 7.65 -25.56
N ASP B 115 1.85 7.99 -26.64
CA ASP B 115 2.60 9.23 -26.71
C ASP B 115 1.67 10.32 -27.22
N TYR B 116 0.67 10.65 -26.42
CA TYR B 116 -0.36 11.59 -26.84
C TYR B 116 0.16 12.98 -27.12
N GLU B 117 -0.61 13.75 -27.90
CA GLU B 117 -0.30 15.15 -28.14
C GLU B 117 -0.49 15.99 -26.88
N ARG B 118 0.53 16.79 -26.60
CA ARG B 118 0.61 17.55 -25.35
C ARG B 118 0.06 18.95 -25.49
N SER B 119 -0.31 19.50 -24.34
CA SER B 119 -0.86 20.83 -24.21
C SER B 119 0.27 21.84 -24.01
N PRO B 120 0.04 23.11 -24.37
CA PRO B 120 -1.22 23.72 -24.82
C PRO B 120 -1.47 23.63 -26.31
N GLU B 121 -0.51 23.11 -27.08
CA GLU B 121 -0.63 23.06 -28.53
C GLU B 121 -1.86 22.21 -28.90
N ALA B 122 -2.04 21.10 -28.20
CA ALA B 122 -3.26 20.33 -28.21
C ALA B 122 -4.01 20.51 -26.90
N ARG B 123 -5.24 20.94 -26.99
CA ARG B 123 -6.09 21.10 -25.82
C ARG B 123 -6.90 19.83 -25.60
N TYR B 124 -7.53 19.73 -24.45
CA TYR B 124 -8.69 18.86 -24.30
C TYR B 124 -9.60 19.11 -25.51
N PRO B 125 -10.16 18.06 -26.13
CA PRO B 125 -10.16 16.63 -25.77
C PRO B 125 -9.24 15.76 -26.61
N VAL B 126 -8.18 16.30 -27.19
CA VAL B 126 -7.36 15.51 -28.11
C VAL B 126 -6.78 14.26 -27.43
N ALA B 127 -6.11 14.43 -26.29
CA ALA B 127 -5.40 13.31 -25.69
C ALA B 127 -6.34 12.21 -25.20
N ILE B 128 -7.45 12.57 -24.58
CA ILE B 128 -8.33 11.53 -24.08
C ILE B 128 -8.95 10.76 -25.27
N GLU B 129 -9.18 11.42 -26.41
CA GLU B 129 -9.71 10.71 -27.56
C GLU B 129 -8.61 9.83 -28.18
N GLN B 130 -7.36 10.30 -28.16
CA GLN B 130 -6.27 9.45 -28.59
C GLN B 130 -6.15 8.23 -27.69
N ASP B 131 -6.22 8.48 -26.39
CA ASP B 131 -6.10 7.43 -25.39
C ASP B 131 -7.15 6.36 -25.56
N TYR B 132 -8.41 6.77 -25.69
CA TYR B 132 -9.48 5.79 -25.92
C TYR B 132 -9.31 5.06 -27.25
N ALA B 133 -8.96 5.81 -28.29
CA ALA B 133 -8.76 5.21 -29.61
C ALA B 133 -7.71 4.13 -29.57
N VAL B 134 -6.60 4.38 -28.89
CA VAL B 134 -5.56 3.37 -28.83
C VAL B 134 -6.04 2.15 -28.04
N THR B 135 -6.78 2.37 -26.95
CA THR B 135 -7.31 1.26 -26.17
C THR B 135 -8.22 0.37 -27.02
N LYS B 136 -9.14 1.00 -27.75
CA LYS B 136 -9.99 0.30 -28.70
C LYS B 136 -9.15 -0.43 -29.76
N TYR B 137 -8.16 0.27 -30.32
CA TYR B 137 -7.28 -0.33 -31.33
C TYR B 137 -6.63 -1.61 -30.81
N VAL B 138 -6.08 -1.57 -29.60
CA VAL B 138 -5.42 -2.73 -29.04
C VAL B 138 -6.41 -3.91 -28.91
N ALA B 139 -7.61 -3.63 -28.40
CA ALA B 139 -8.64 -4.66 -28.24
C ALA B 139 -9.02 -5.27 -29.58
N GLU B 140 -8.92 -4.49 -30.65
CA GLU B 140 -9.46 -4.92 -31.94
C GLU B 140 -8.40 -5.39 -32.93
N HIS B 141 -7.13 -5.26 -32.54
CA HIS B 141 -6.03 -5.75 -33.35
C HIS B 141 -5.07 -6.61 -32.51
N SER B 142 -5.65 -7.53 -31.75
CA SER B 142 -4.86 -8.33 -30.83
C SER B 142 -3.90 -9.28 -31.55
N GLU B 143 -4.27 -9.75 -32.74
CA GLU B 143 -3.39 -10.64 -33.49
C GLU B 143 -2.17 -9.88 -34.03
N GLN B 144 -2.37 -8.66 -34.50
CA GLN B 144 -1.27 -7.80 -34.94
C GLN B 144 -0.27 -7.61 -33.80
N LEU B 145 -0.79 -7.41 -32.60
CA LEU B 145 0.04 -7.08 -31.46
C LEU B 145 0.45 -8.28 -30.64
N ASN B 146 -0.06 -9.45 -31.02
CA ASN B 146 0.19 -10.69 -30.27
C ASN B 146 -0.15 -10.53 -28.78
N VAL B 147 -1.36 -10.07 -28.50
CA VAL B 147 -1.84 -9.96 -27.13
C VAL B 147 -3.20 -10.64 -26.97
N ASP B 148 -3.59 -10.84 -25.72
CA ASP B 148 -4.89 -11.38 -25.35
C ASP B 148 -5.82 -10.22 -25.02
N PRO B 149 -6.78 -9.92 -25.90
CA PRO B 149 -7.63 -8.74 -25.66
C PRO B 149 -8.64 -8.95 -24.52
N THR B 150 -8.85 -10.19 -24.07
CA THR B 150 -9.71 -10.44 -22.91
C THR B 150 -9.01 -10.15 -21.58
N ARG B 151 -7.71 -9.86 -21.63
CA ARG B 151 -6.91 -9.46 -20.46
C ARG B 151 -6.19 -8.16 -20.75
N LEU B 152 -7.00 -7.11 -20.80
CA LEU B 152 -6.55 -5.78 -21.09
C LEU B 152 -6.79 -4.93 -19.88
N ALA B 153 -5.74 -4.30 -19.37
CA ALA B 153 -5.83 -3.33 -18.29
C ALA B 153 -5.43 -1.94 -18.79
N ILE B 154 -5.89 -0.92 -18.10
CA ILE B 154 -5.39 0.44 -18.31
C ILE B 154 -4.78 1.01 -17.05
N ALA B 155 -3.81 1.91 -17.23
CA ALA B 155 -3.11 2.48 -16.11
C ALA B 155 -2.51 3.83 -16.46
N GLY B 156 -2.29 4.66 -15.44
CA GLY B 156 -1.69 5.95 -15.64
C GLY B 156 -1.34 6.65 -14.34
N ASP B 157 -0.50 7.66 -14.45
CA ASP B 157 -0.05 8.45 -13.31
C ASP B 157 -0.41 9.93 -13.46
N SER B 158 -0.90 10.56 -12.39
CA SER B 158 -1.15 12.01 -12.34
C SER B 158 -2.22 12.40 -13.38
N VAL B 159 -1.93 13.29 -14.34
CA VAL B 159 -2.96 13.59 -15.36
C VAL B 159 -3.24 12.32 -16.18
N GLY B 160 -2.27 11.42 -16.21
CA GLY B 160 -2.48 10.14 -16.82
C GLY B 160 -3.47 9.28 -16.04
N GLY B 161 -3.58 9.54 -14.74
CA GLY B 161 -4.64 8.93 -13.95
C GLY B 161 -6.02 9.53 -14.27
N ASN B 162 -6.06 10.83 -14.54
CA ASN B 162 -7.25 11.46 -15.09
C ASN B 162 -7.65 10.72 -16.36
N MET B 163 -6.67 10.46 -17.22
CA MET B 163 -6.92 9.81 -18.49
C MET B 163 -7.45 8.40 -18.30
N THR B 164 -6.87 7.67 -17.36
CA THR B 164 -7.38 6.33 -17.03
C THR B 164 -8.85 6.34 -16.63
N ALA B 165 -9.20 7.24 -15.72
CA ALA B 165 -10.58 7.38 -15.28
C ALA B 165 -11.51 7.71 -16.43
N VAL B 166 -11.06 8.58 -17.31
CA VAL B 166 -11.90 9.02 -18.41
C VAL B 166 -12.01 7.95 -19.47
N VAL B 167 -10.94 7.18 -19.71
CA VAL B 167 -11.05 6.12 -20.68
C VAL B 167 -12.03 5.07 -20.16
N SER B 168 -12.00 4.78 -18.87
CA SER B 168 -12.99 3.87 -18.28
C SER B 168 -14.41 4.33 -18.53
N LEU B 169 -14.64 5.62 -18.35
CA LEU B 169 -15.96 6.21 -18.54
C LEU B 169 -16.36 6.15 -20.00
N LEU B 170 -15.43 6.46 -20.90
CA LEU B 170 -15.75 6.46 -22.32
C LEU B 170 -16.05 5.04 -22.78
N ALA B 171 -15.38 4.06 -22.20
CA ALA B 171 -15.61 2.67 -22.56
C ALA B 171 -16.98 2.23 -22.08
N GLN B 172 -17.42 2.72 -20.93
CA GLN B 172 -18.77 2.44 -20.49
C GLN B 172 -19.76 3.05 -21.46
N GLU B 173 -19.52 4.31 -21.84
CA GLU B 173 -20.45 5.04 -22.68
C GLU B 173 -20.57 4.46 -24.07
N ARG B 174 -19.48 3.93 -24.60
CA ARG B 174 -19.42 3.47 -25.99
C ARG B 174 -19.49 1.95 -26.16
N GLY B 175 -19.72 1.23 -25.06
CA GLY B 175 -19.97 -0.20 -25.14
C GLY B 175 -18.76 -1.10 -25.18
N GLY B 176 -17.59 -0.55 -24.90
CA GLY B 176 -16.35 -1.31 -24.91
C GLY B 176 -15.17 -0.41 -25.19
N PRO B 177 -13.96 -0.98 -25.25
CA PRO B 177 -13.65 -2.40 -25.03
C PRO B 177 -13.74 -2.80 -23.56
N ASP B 178 -13.77 -4.11 -23.32
CA ASP B 178 -13.79 -4.64 -21.96
C ASP B 178 -12.44 -4.39 -21.28
N ILE B 179 -12.52 -3.89 -20.04
N ILE B 179 -12.50 -3.91 -20.03
CA ILE B 179 -11.35 -3.58 -19.24
CA ILE B 179 -11.32 -3.58 -19.26
C ILE B 179 -11.31 -4.53 -18.05
C ILE B 179 -11.29 -4.48 -18.03
N THR B 180 -10.17 -5.17 -17.81
CA THR B 180 -10.03 -6.12 -16.72
C THR B 180 -9.72 -5.47 -15.37
N ALA B 181 -8.88 -4.43 -15.41
CA ALA B 181 -8.47 -3.70 -14.21
C ALA B 181 -7.96 -2.33 -14.61
N GLN B 182 -7.96 -1.41 -13.65
CA GLN B 182 -7.43 -0.09 -13.87
C GLN B 182 -6.59 0.32 -12.69
N VAL B 183 -5.45 0.93 -12.97
CA VAL B 183 -4.53 1.44 -11.94
C VAL B 183 -4.30 2.94 -12.11
N LEU B 184 -4.52 3.66 -11.02
CA LEU B 184 -4.42 5.12 -11.00
C LEU B 184 -3.40 5.55 -9.96
N PHE B 185 -2.20 5.95 -10.39
CA PHE B 185 -1.23 6.56 -9.48
C PHE B 185 -1.58 8.03 -9.30
N TYR B 186 -1.80 8.45 -8.06
CA TYR B 186 -2.05 9.83 -7.66
C TYR B 186 -2.74 10.63 -8.75
N PRO B 187 -3.98 10.23 -9.10
CA PRO B 187 -4.71 10.84 -10.22
C PRO B 187 -5.18 12.25 -9.99
N VAL B 188 -5.28 12.98 -11.09
CA VAL B 188 -6.00 14.25 -11.11
C VAL B 188 -7.47 13.98 -11.41
N THR B 189 -8.36 14.34 -10.50
CA THR B 189 -9.77 14.02 -10.67
C THR B 189 -10.72 15.20 -10.52
N ASP B 190 -10.22 16.34 -10.07
CA ASP B 190 -11.07 17.49 -9.77
C ASP B 190 -10.27 18.76 -10.08
N ALA B 191 -10.94 19.92 -10.00
CA ALA B 191 -10.27 21.21 -10.16
C ALA B 191 -10.74 22.16 -9.09
N ASP B 192 -10.81 21.66 -7.86
CA ASP B 192 -11.13 22.48 -6.70
C ASP B 192 -9.82 22.80 -6.01
N PHE B 193 -9.29 23.98 -6.25
CA PHE B 193 -7.96 24.33 -5.76
C PHE B 193 -8.02 24.85 -4.32
N ASP B 194 -9.17 24.73 -3.67
CA ASP B 194 -9.34 25.20 -2.30
C ASP B 194 -9.66 24.08 -1.32
N ASN B 195 -9.50 22.83 -1.74
CA ASN B 195 -9.83 21.75 -0.83
C ASN B 195 -8.71 21.59 0.22
N GLY B 196 -8.82 20.56 1.05
CA GLY B 196 -7.89 20.34 2.13
C GLY B 196 -6.43 20.22 1.75
N SER B 197 -6.10 19.24 0.92
CA SER B 197 -4.69 19.01 0.63
C SER B 197 -4.13 20.10 -0.30
N TYR B 198 -4.97 20.71 -1.14
CA TYR B 198 -4.51 21.82 -1.97
C TYR B 198 -4.08 22.99 -1.08
N THR B 199 -4.82 23.18 0.01
CA THR B 199 -4.58 24.27 0.93
C THR B 199 -3.34 23.97 1.78
N GLU B 200 -3.20 22.73 2.22
CA GLU B 200 -2.09 22.33 3.09
C GLU B 200 -0.76 22.30 2.34
N PHE B 201 -0.77 21.85 1.09
CA PHE B 201 0.46 21.67 0.31
C PHE B 201 0.54 22.64 -0.88
N ALA B 202 -0.10 23.81 -0.73
CA ALA B 202 -0.19 24.78 -1.82
C ALA B 202 1.18 25.16 -2.39
N ASN B 203 2.19 25.25 -1.52
CA ASN B 203 3.53 25.60 -1.99
C ASN B 203 4.52 24.46 -1.95
N GLY B 204 3.99 23.24 -1.96
CA GLY B 204 4.82 22.07 -2.19
C GLY B 204 4.67 21.14 -1.03
N PRO B 205 5.55 20.13 -0.95
CA PRO B 205 6.77 19.89 -1.74
C PRO B 205 6.53 19.45 -3.18
N TRP B 206 7.42 19.93 -4.06
CA TRP B 206 7.49 19.56 -5.47
C TRP B 206 6.33 20.08 -6.33
N LEU B 207 5.12 19.56 -6.17
CA LEU B 207 3.96 20.03 -6.89
C LEU B 207 3.27 21.13 -6.08
N THR B 208 2.90 22.22 -6.74
CA THR B 208 2.28 23.36 -6.09
C THR B 208 0.92 23.69 -6.69
N LYS B 209 0.18 24.50 -5.93
CA LYS B 209 -1.15 24.92 -6.34
C LYS B 209 -1.05 25.81 -7.60
N PRO B 210 -0.15 26.82 -7.63
CA PRO B 210 0.02 27.58 -8.87
C PRO B 210 0.45 26.75 -10.09
N ALA B 211 1.23 25.70 -9.89
CA ALA B 211 1.60 24.83 -11.00
C ALA B 211 0.36 24.14 -11.57
N MET B 212 -0.48 23.56 -10.70
CA MET B 212 -1.70 22.89 -11.12
C MET B 212 -2.64 23.87 -11.83
N ASP B 213 -2.73 25.10 -11.31
CA ASP B 213 -3.56 26.10 -11.97
C ASP B 213 -3.07 26.33 -13.40
N TRP B 214 -1.75 26.42 -13.56
CA TRP B 214 -1.17 26.63 -14.88
C TRP B 214 -1.37 25.40 -15.77
N PHE B 215 -1.18 24.19 -15.23
CA PHE B 215 -1.35 23.00 -16.06
C PHE B 215 -2.77 22.90 -16.59
N TRP B 216 -3.75 23.07 -15.71
CA TRP B 216 -5.15 23.05 -16.09
C TRP B 216 -5.45 24.08 -17.16
N ASN B 217 -4.84 25.26 -17.04
CA ASN B 217 -5.04 26.30 -18.04
C ASN B 217 -4.37 25.97 -19.38
N GLN B 218 -3.32 25.16 -19.39
CA GLN B 218 -2.75 24.75 -20.67
C GLN B 218 -3.63 23.71 -21.36
N TYR B 219 -4.22 22.83 -20.54
CA TYR B 219 -5.07 21.73 -21.00
C TYR B 219 -6.39 22.20 -21.57
N LEU B 220 -7.02 23.14 -20.88
CA LEU B 220 -8.41 23.48 -21.20
C LEU B 220 -8.60 24.74 -22.01
N PRO B 221 -9.52 24.70 -22.99
CA PRO B 221 -9.98 25.97 -23.55
C PRO B 221 -10.56 26.88 -22.46
N GLU B 222 -10.30 28.18 -22.61
CA GLU B 222 -10.94 29.22 -21.80
C GLU B 222 -12.46 29.04 -21.75
N GLY B 223 -13.02 29.13 -20.54
CA GLY B 223 -14.46 29.14 -20.35
C GLY B 223 -15.17 27.80 -20.50
N ILE B 224 -14.41 26.72 -20.62
CA ILE B 224 -15.02 25.41 -20.76
C ILE B 224 -15.66 25.08 -19.42
N ASP B 225 -16.79 24.37 -19.44
CA ASP B 225 -17.38 23.86 -18.20
C ASP B 225 -16.50 22.75 -17.63
N ARG B 226 -15.77 23.05 -16.56
CA ARG B 226 -14.80 22.08 -15.99
C ARG B 226 -15.47 20.93 -15.24
N THR B 227 -16.79 20.98 -15.05
CA THR B 227 -17.47 19.97 -14.24
C THR B 227 -17.89 18.76 -15.07
N ASP B 228 -17.66 18.81 -16.38
CA ASP B 228 -17.88 17.64 -17.24
C ASP B 228 -17.04 16.48 -16.70
N PRO B 229 -17.64 15.29 -16.51
CA PRO B 229 -16.87 14.17 -15.97
C PRO B 229 -15.75 13.69 -16.90
N LYS B 230 -15.79 14.04 -18.19
CA LYS B 230 -14.67 13.73 -19.09
C LYS B 230 -13.48 14.67 -18.84
N ILE B 231 -13.70 15.68 -17.99
CA ILE B 231 -12.67 16.60 -17.54
C ILE B 231 -12.31 16.36 -16.07
N THR B 232 -13.32 16.34 -15.23
CA THR B 232 -13.15 16.09 -13.79
C THR B 232 -13.99 14.86 -13.38
N PRO B 233 -13.43 13.65 -13.48
CA PRO B 233 -14.21 12.41 -13.30
C PRO B 233 -14.78 12.21 -11.90
N ILE B 234 -14.35 13.01 -10.94
CA ILE B 234 -15.00 13.03 -9.63
C ILE B 234 -16.50 13.32 -9.81
N HIS B 235 -16.87 13.95 -10.92
CA HIS B 235 -18.26 14.31 -11.16
C HIS B 235 -19.08 13.26 -11.88
N ALA B 236 -18.45 12.13 -12.18
CA ALA B 236 -19.14 11.02 -12.83
C ALA B 236 -20.32 10.56 -11.98
N THR B 237 -21.41 10.18 -12.65
CA THR B 237 -22.56 9.64 -11.96
C THR B 237 -22.31 8.20 -11.52
N SER B 238 -23.02 7.78 -10.47
CA SER B 238 -22.89 6.42 -9.97
C SER B 238 -23.15 5.43 -11.13
N GLU B 239 -23.86 5.87 -12.16
CA GLU B 239 -24.11 5.08 -13.37
C GLU B 239 -22.97 4.98 -14.37
N GLN B 240 -22.26 6.10 -14.60
CA GLN B 240 -21.05 6.07 -15.42
C GLN B 240 -19.95 5.25 -14.77
N LEU B 241 -20.04 5.13 -13.45
CA LEU B 241 -19.03 4.46 -12.66
C LEU B 241 -19.33 2.99 -12.39
N SER B 242 -20.60 2.65 -12.21
CA SER B 242 -20.95 1.27 -11.90
C SER B 242 -20.63 0.44 -13.14
N GLY B 243 -20.10 -0.74 -12.95
CA GLY B 243 -19.77 -1.56 -14.11
C GLY B 243 -18.31 -1.42 -14.53
N GLN B 244 -17.60 -0.45 -13.95
CA GLN B 244 -16.18 -0.25 -14.26
C GLN B 244 -15.33 -1.34 -13.63
N ALA B 245 -14.15 -1.52 -14.21
CA ALA B 245 -13.22 -2.52 -13.76
C ALA B 245 -12.68 -2.24 -12.36
N PRO B 246 -12.35 -3.29 -11.62
CA PRO B 246 -11.65 -3.11 -10.35
C PRO B 246 -10.46 -2.17 -10.47
N ALA B 247 -10.28 -1.34 -9.45
CA ALA B 247 -9.30 -0.26 -9.47
C ALA B 247 -8.31 -0.35 -8.32
N LEU B 248 -7.05 -0.04 -8.62
CA LEU B 248 -6.04 0.28 -7.63
C LEU B 248 -5.78 1.78 -7.70
N VAL B 249 -5.97 2.48 -6.57
CA VAL B 249 -5.68 3.91 -6.45
C VAL B 249 -4.63 4.11 -5.37
N ILE B 250 -3.52 4.72 -5.78
CA ILE B 250 -2.38 4.95 -4.91
C ILE B 250 -2.19 6.45 -4.77
N THR B 251 -2.19 6.96 -3.55
CA THR B 251 -1.96 8.37 -3.33
C THR B 251 -0.71 8.63 -2.48
N ALA B 252 -0.25 9.88 -2.53
CA ALA B 252 0.91 10.35 -1.76
C ALA B 252 0.42 11.19 -0.58
N GLU B 253 1.01 11.02 0.60
CA GLU B 253 0.63 11.83 1.75
C GLU B 253 0.77 13.35 1.55
N ASN B 254 1.87 13.78 0.93
CA ASN B 254 2.23 15.20 0.89
C ASN B 254 2.11 15.66 -0.54
N ASP B 255 0.87 16.01 -0.92
CA ASP B 255 0.49 16.16 -2.32
C ASP B 255 -0.82 16.92 -2.39
N VAL B 256 -0.86 18.04 -3.12
CA VAL B 256 -2.12 18.76 -3.27
C VAL B 256 -3.25 17.89 -3.83
N LEU B 257 -2.88 16.89 -4.64
CA LEU B 257 -3.85 16.05 -5.33
C LEU B 257 -4.34 14.87 -4.48
N ARG B 258 -3.82 14.73 -3.26
CA ARG B 258 -4.15 13.59 -2.41
C ARG B 258 -5.64 13.41 -2.14
N ASP B 259 -6.28 14.47 -1.67
CA ASP B 259 -7.67 14.36 -1.26
C ASP B 259 -8.59 14.01 -2.44
N GLU B 260 -8.35 14.59 -3.61
CA GLU B 260 -9.25 14.28 -4.71
C GLU B 260 -9.04 12.87 -5.22
N GLY B 261 -7.83 12.34 -5.08
CA GLY B 261 -7.58 10.95 -5.45
C GLY B 261 -8.30 9.98 -4.54
N GLU B 262 -8.25 10.26 -3.25
CA GLU B 262 -8.90 9.41 -2.25
C GLU B 262 -10.41 9.56 -2.34
N ALA B 263 -10.87 10.76 -2.65
CA ALA B 263 -12.29 10.98 -2.80
C ALA B 263 -12.81 10.23 -4.02
N TYR B 264 -12.01 10.17 -5.08
CA TYR B 264 -12.42 9.48 -6.30
C TYR B 264 -12.54 7.99 -6.01
N ALA B 265 -11.57 7.46 -5.27
CA ALA B 265 -11.61 6.06 -4.85
C ALA B 265 -12.91 5.76 -4.11
N ARG B 266 -13.33 6.66 -3.22
CA ARG B 266 -14.57 6.46 -2.48
C ARG B 266 -15.76 6.48 -3.43
N LYS B 267 -15.72 7.34 -4.44
CA LYS B 267 -16.82 7.43 -5.40
C LYS B 267 -16.99 6.14 -6.17
N LEU B 268 -15.87 5.58 -6.62
CA LEU B 268 -15.88 4.26 -7.26
C LEU B 268 -16.43 3.16 -6.32
N SER B 269 -15.99 3.17 -5.07
CA SER B 269 -16.40 2.16 -4.11
C SER B 269 -17.92 2.25 -3.82
N GLN B 270 -18.43 3.47 -3.71
CA GLN B 270 -19.86 3.67 -3.48
C GLN B 270 -20.65 3.18 -4.68
N ALA B 271 -20.03 3.16 -5.86
CA ALA B 271 -20.68 2.70 -7.09
C ALA B 271 -20.60 1.18 -7.27
N GLY B 272 -19.99 0.49 -6.31
CA GLY B 272 -19.94 -0.96 -6.35
C GLY B 272 -18.69 -1.53 -6.99
N VAL B 273 -17.76 -0.66 -7.37
CA VAL B 273 -16.49 -1.09 -7.95
C VAL B 273 -15.59 -1.57 -6.81
N ASP B 274 -14.85 -2.65 -7.01
N ASP B 274 -14.85 -2.64 -7.03
CA ASP B 274 -13.90 -3.11 -6.00
CA ASP B 274 -13.89 -3.12 -6.03
C ASP B 274 -12.61 -2.29 -6.07
C ASP B 274 -12.61 -2.27 -6.08
N VAL B 275 -12.40 -1.47 -5.04
CA VAL B 275 -11.32 -0.47 -5.06
C VAL B 275 -10.29 -0.76 -3.97
N THR B 276 -9.07 -0.96 -4.42
CA THR B 276 -7.92 -1.08 -3.53
C THR B 276 -7.34 0.32 -3.45
N VAL B 277 -7.35 0.93 -2.28
CA VAL B 277 -6.90 2.31 -2.17
C VAL B 277 -5.92 2.46 -1.02
N THR B 278 -4.73 2.98 -1.35
N THR B 278 -4.73 2.98 -1.34
CA THR B 278 -3.60 3.00 -0.44
CA THR B 278 -3.63 3.02 -0.41
C THR B 278 -2.92 4.37 -0.49
C THR B 278 -2.86 4.33 -0.48
N ARG B 279 -2.68 4.96 0.68
CA ARG B 279 -1.91 6.19 0.78
C ARG B 279 -0.49 5.85 1.27
N TYR B 280 0.51 6.31 0.55
CA TYR B 280 1.91 6.16 0.96
C TYR B 280 2.39 7.37 1.75
N ASN B 281 2.79 7.15 3.00
CA ASN B 281 3.27 8.25 3.82
C ASN B 281 4.74 8.55 3.53
N GLY B 282 5.14 9.79 3.80
CA GLY B 282 6.53 10.21 3.72
C GLY B 282 7.00 10.56 2.33
N THR B 283 6.09 10.60 1.37
CA THR B 283 6.46 10.85 -0.01
C THR B 283 5.63 11.94 -0.64
N ILE B 284 5.86 12.14 -1.93
CA ILE B 284 5.36 13.29 -2.68
C ILE B 284 4.68 12.90 -3.98
N HIS B 285 4.05 13.89 -4.64
CA HIS B 285 3.52 13.61 -5.96
C HIS B 285 4.63 13.15 -6.91
N ASP B 286 4.23 12.40 -7.94
CA ASP B 286 5.16 11.85 -8.94
C ASP B 286 6.15 10.81 -8.39
N PHE B 287 5.87 10.20 -7.25
CA PHE B 287 6.94 9.47 -6.59
C PHE B 287 7.26 8.12 -7.24
N VAL B 288 6.40 7.59 -8.11
CA VAL B 288 6.77 6.35 -8.81
C VAL B 288 7.43 6.61 -10.18
N MET B 289 7.38 7.85 -10.68
CA MET B 289 8.07 8.16 -11.95
C MET B 289 9.48 8.71 -11.75
N LEU B 290 9.66 9.63 -10.78
CA LEU B 290 10.93 10.35 -10.62
C LEU B 290 12.11 9.43 -10.30
N ASN B 291 13.12 9.46 -11.16
CA ASN B 291 14.28 8.58 -11.01
C ASN B 291 15.05 8.84 -9.72
N VAL B 292 15.10 10.09 -9.29
CA VAL B 292 15.77 10.45 -8.05
C VAL B 292 15.15 9.75 -6.83
N LEU B 293 13.88 9.34 -6.91
CA LEU B 293 13.20 8.66 -5.81
C LEU B 293 13.09 7.14 -6.02
N ALA B 294 13.70 6.63 -7.08
CA ALA B 294 13.55 5.24 -7.46
C ALA B 294 13.89 4.23 -6.35
N ASP B 295 14.84 4.55 -5.49
CA ASP B 295 15.27 3.59 -4.47
C ASP B 295 14.70 3.92 -3.09
N THR B 296 13.75 4.85 -3.04
CA THR B 296 13.09 5.19 -1.79
C THR B 296 12.03 4.14 -1.48
N PRO B 297 11.75 3.92 -0.19
CA PRO B 297 10.81 2.85 0.18
C PRO B 297 9.42 3.03 -0.42
N ALA B 298 8.91 4.26 -0.51
CA ALA B 298 7.57 4.45 -1.03
C ALA B 298 7.52 4.09 -2.51
N ALA B 299 8.52 4.51 -3.28
CA ALA B 299 8.55 4.23 -4.72
C ALA B 299 8.62 2.73 -4.99
N LYS B 300 9.55 2.06 -4.31
CA LYS B 300 9.69 0.63 -4.45
C LYS B 300 8.41 -0.08 -4.04
N GLY B 301 7.81 0.38 -2.94
CA GLY B 301 6.59 -0.24 -2.43
C GLY B 301 5.43 -0.13 -3.39
N ALA B 302 5.22 1.08 -3.90
CA ALA B 302 4.06 1.33 -4.75
C ALA B 302 4.19 0.64 -6.10
N ILE B 303 5.40 0.60 -6.64
CA ILE B 303 5.63 -0.06 -7.91
C ILE B 303 5.44 -1.55 -7.75
N ALA B 304 5.93 -2.11 -6.64
CA ALA B 304 5.75 -3.53 -6.39
C ALA B 304 4.26 -3.86 -6.19
N GLN B 305 3.56 -2.96 -5.50
CA GLN B 305 2.13 -3.15 -5.26
C GLN B 305 1.34 -3.14 -6.57
N ALA B 306 1.59 -2.13 -7.37
CA ALA B 306 0.91 -2.00 -8.65
C ALA B 306 1.26 -3.15 -9.60
N GLY B 307 2.53 -3.53 -9.63
CA GLY B 307 2.99 -4.60 -10.49
C GLY B 307 2.32 -5.91 -10.16
N GLN B 308 2.21 -6.20 -8.85
CA GLN B 308 1.61 -7.43 -8.39
C GLN B 308 0.09 -7.41 -8.62
N TYR B 309 -0.52 -6.25 -8.40
CA TYR B 309 -1.95 -6.08 -8.59
C TYR B 309 -2.31 -6.38 -10.05
N LEU B 310 -1.51 -5.84 -10.96
CA LEU B 310 -1.70 -6.08 -12.40
C LEU B 310 -1.41 -7.54 -12.75
N HIS B 311 -0.37 -8.11 -12.16
CA HIS B 311 -0.07 -9.51 -12.44
C HIS B 311 -1.24 -10.40 -12.05
N THR B 312 -1.79 -10.17 -10.87
CA THR B 312 -2.92 -10.96 -10.38
C THR B 312 -4.17 -10.77 -11.27
N ALA B 313 -4.42 -9.52 -11.68
CA ALA B 313 -5.57 -9.20 -12.50
C ALA B 313 -5.50 -9.86 -13.88
N LEU B 314 -4.30 -9.86 -14.46
CA LEU B 314 -4.10 -10.30 -15.83
C LEU B 314 -3.73 -11.78 -15.96
N HIS B 315 -3.33 -12.44 -14.88
CA HIS B 315 -2.89 -13.83 -14.98
C HIS B 315 -3.68 -14.76 -14.07
N GLY B 316 -4.44 -14.18 -13.15
CA GLY B 316 -5.18 -14.98 -12.19
C GLY B 316 -6.51 -15.44 -12.74
MG MG C . -3.85 1.61 12.03
MG MG D . -12.58 -0.02 -1.12
MG MG E . -1.96 11.67 -4.22
#